data_7KK4
#
_entry.id   7KK4
#
_cell.length_a   172.760
_cell.length_b   44.530
_cell.length_c   111.930
_cell.angle_alpha   90.000
_cell.angle_beta   127.420
_cell.angle_gamma   90.000
#
_symmetry.space_group_name_H-M   'C 1 2 1'
#
loop_
_entity.id
_entity.type
_entity.pdbx_description
1 polymer 'Poly [ADP-ribose] polymerase 1'
2 non-polymer 4-(3-{[4-(cyclopropylcarbonyl)piperazin-1-yl]carbonyl}-4-fluorobenzyl)phthalazin-1(2H)-one
3 water water
#
_entity_poly.entity_id   1
_entity_poly.type   'polypeptide(L)'
_entity_poly.pdbx_seq_one_letter_code
;GSKSKLPKPVQDLIKMIFDVESMKKAMVEYEIDLQKMPLGKLSKRQIQAAYSILSEVQQAVSQGSSDSQILDLSNRFYTL
IPHDFGMKKPPLLNNADSVQAKVEMLDNLLDIEVAYSLLRGGSDDSSKDPIDVNYEKLKTDIKVVDRDSEEAEIIRKYVK
NTHATTHNAYDLEVIDIFKIEREGECQRYKPFKQLHNRRLLWHGSRTTNFAGILSQGLRIAPPEAPVTGYMFGKGIYFAD
MVSKSANYCHTSQGDPIGLILLGEVALGNMYELKHASHISKLPKGKHSVKGLGKTTPDPSANISLDGVDVPLGTGISSGV
NDTSLLYNEYIVYDIAQVNLKYLLKLKFNFKT
;
_entity_poly.pdbx_strand_id   A,B
#
loop_
_chem_comp.id
_chem_comp.type
_chem_comp.name
_chem_comp.formula
09L non-polymer 4-(3-{[4-(cyclopropylcarbonyl)piperazin-1-yl]carbonyl}-4-fluorobenzyl)phthalazin-1(2H)-one 'C24 H23 F N4 O3'
#
# COMPACT_ATOMS: atom_id res chain seq x y z
N LYS A 3 -30.20 -43.40 8.36
CA LYS A 3 -30.13 -42.34 9.36
C LYS A 3 -28.70 -42.15 9.85
N SER A 4 -28.22 -40.88 9.88
CA SER A 4 -26.87 -40.47 10.29
C SER A 4 -26.55 -40.77 11.74
N LYS A 5 -25.30 -41.23 11.97
CA LYS A 5 -24.76 -41.55 13.28
C LYS A 5 -24.09 -40.35 13.97
N LEU A 6 -23.62 -39.35 13.19
CA LEU A 6 -22.93 -38.14 13.71
C LEU A 6 -23.68 -37.49 14.88
N PRO A 7 -22.99 -36.91 15.87
CA PRO A 7 -23.72 -36.25 16.97
C PRO A 7 -24.46 -35.01 16.47
N LYS A 8 -25.53 -34.61 17.18
CA LYS A 8 -26.39 -33.49 16.85
C LYS A 8 -25.66 -32.15 16.60
N PRO A 9 -24.70 -31.64 17.43
CA PRO A 9 -24.07 -30.34 17.08
C PRO A 9 -23.31 -30.38 15.75
N VAL A 10 -22.75 -31.54 15.44
CA VAL A 10 -22.05 -31.80 14.18
C VAL A 10 -23.08 -31.80 13.03
N GLN A 11 -24.14 -32.67 13.08
CA GLN A 11 -25.19 -32.67 12.04
C GLN A 11 -25.71 -31.23 11.75
N ASP A 12 -25.97 -30.48 12.84
CA ASP A 12 -26.44 -29.10 12.84
C ASP A 12 -25.43 -28.12 12.21
N LEU A 13 -24.11 -28.44 12.30
CA LEU A 13 -23.05 -27.67 11.70
C LEU A 13 -23.06 -27.95 10.20
N ILE A 14 -23.21 -29.23 9.81
CA ILE A 14 -23.27 -29.70 8.41
C ILE A 14 -24.44 -29.05 7.69
N LYS A 15 -25.59 -28.92 8.38
CA LYS A 15 -26.81 -28.31 7.83
C LYS A 15 -26.53 -26.84 7.46
N MET A 16 -25.97 -26.07 8.41
CA MET A 16 -25.64 -24.64 8.27
C MET A 16 -24.72 -24.36 7.09
N ILE A 17 -23.68 -25.19 6.95
CA ILE A 17 -22.61 -25.10 5.96
C ILE A 17 -23.12 -25.37 4.55
N PHE A 18 -24.02 -26.37 4.40
CA PHE A 18 -24.57 -26.74 3.11
C PHE A 18 -25.95 -26.16 2.80
N ASP A 19 -26.39 -25.20 3.63
CA ASP A 19 -27.63 -24.45 3.49
C ASP A 19 -27.61 -23.60 2.21
N VAL A 20 -28.38 -24.06 1.23
CA VAL A 20 -28.54 -23.48 -0.09
C VAL A 20 -29.27 -22.11 -0.02
N GLU A 21 -30.11 -21.91 1.01
CA GLU A 21 -30.86 -20.68 1.25
C GLU A 21 -29.90 -19.55 1.69
N SER A 22 -28.95 -19.87 2.59
CA SER A 22 -27.96 -18.91 3.06
C SER A 22 -27.02 -18.52 1.93
N MET A 23 -26.81 -19.43 0.96
CA MET A 23 -25.98 -19.20 -0.22
C MET A 23 -26.59 -18.11 -1.10
N LYS A 24 -27.92 -18.18 -1.31
CA LYS A 24 -28.70 -17.22 -2.09
C LYS A 24 -28.75 -15.89 -1.37
N LYS A 25 -29.09 -15.90 -0.05
CA LYS A 25 -29.10 -14.71 0.81
C LYS A 25 -27.78 -13.94 0.63
N ALA A 26 -26.61 -14.61 0.85
CA ALA A 26 -25.27 -14.01 0.73
C ALA A 26 -25.01 -13.42 -0.66
N MET A 27 -25.59 -14.00 -1.74
CA MET A 27 -25.41 -13.47 -3.08
C MET A 27 -26.18 -12.17 -3.29
N VAL A 28 -27.49 -12.16 -2.90
CA VAL A 28 -28.41 -11.02 -2.97
C VAL A 28 -27.86 -9.89 -2.10
N GLU A 29 -27.17 -10.22 -0.99
CA GLU A 29 -26.53 -9.21 -0.13
C GLU A 29 -25.37 -8.49 -0.88
N TYR A 30 -24.79 -9.16 -1.90
CA TYR A 30 -23.76 -8.59 -2.75
C TYR A 30 -24.36 -8.07 -4.06
N GLU A 31 -25.69 -7.90 -4.07
CA GLU A 31 -26.57 -7.34 -5.12
C GLU A 31 -26.46 -8.06 -6.48
N ILE A 32 -26.23 -9.36 -6.44
CA ILE A 32 -26.13 -10.19 -7.63
C ILE A 32 -27.52 -10.38 -8.26
N ASP A 33 -27.57 -10.56 -9.61
CA ASP A 33 -28.81 -10.80 -10.34
C ASP A 33 -29.09 -12.28 -10.37
N LEU A 34 -29.93 -12.75 -9.43
CA LEU A 34 -30.31 -14.15 -9.31
C LEU A 34 -31.04 -14.69 -10.57
N GLN A 35 -31.85 -13.86 -11.25
CA GLN A 35 -32.57 -14.32 -12.45
C GLN A 35 -31.62 -14.51 -13.65
N LYS A 36 -30.66 -13.57 -13.83
CA LYS A 36 -29.67 -13.62 -14.91
C LYS A 36 -28.55 -14.61 -14.57
N MET A 37 -28.32 -14.83 -13.27
CA MET A 37 -27.28 -15.74 -12.77
C MET A 37 -27.68 -16.37 -11.42
N PRO A 38 -28.40 -17.52 -11.42
CA PRO A 38 -28.73 -18.17 -10.15
C PRO A 38 -27.56 -19.06 -9.69
N LEU A 39 -27.68 -19.60 -8.47
CA LEU A 39 -26.71 -20.47 -7.81
C LEU A 39 -26.15 -21.63 -8.70
N GLY A 40 -27.01 -22.24 -9.53
CA GLY A 40 -26.64 -23.32 -10.44
C GLY A 40 -25.75 -22.89 -11.61
N LYS A 41 -25.92 -21.65 -12.10
CA LYS A 41 -25.16 -21.10 -13.23
C LYS A 41 -23.80 -20.49 -12.84
N LEU A 42 -23.43 -20.56 -11.55
CA LEU A 42 -22.18 -20.05 -10.99
C LEU A 42 -21.01 -21.01 -11.29
N SER A 43 -19.90 -20.48 -11.85
CA SER A 43 -18.72 -21.30 -12.17
C SER A 43 -17.39 -20.70 -11.72
N LYS A 44 -16.45 -21.58 -11.32
CA LYS A 44 -15.11 -21.26 -10.86
C LYS A 44 -14.33 -20.34 -11.84
N ARG A 45 -14.38 -20.65 -13.14
CA ARG A 45 -13.61 -19.93 -14.17
C ARG A 45 -14.25 -18.59 -14.54
N GLN A 46 -15.59 -18.45 -14.40
CA GLN A 46 -16.33 -17.19 -14.62
C GLN A 46 -15.79 -16.18 -13.58
N ILE A 47 -15.74 -16.63 -12.29
CA ILE A 47 -15.26 -15.91 -11.11
C ILE A 47 -13.82 -15.53 -11.33
N GLN A 48 -12.98 -16.53 -11.67
CA GLN A 48 -11.56 -16.36 -11.95
C GLN A 48 -11.33 -15.34 -13.07
N ALA A 49 -12.22 -15.32 -14.08
CA ALA A 49 -12.11 -14.33 -15.16
C ALA A 49 -12.52 -12.93 -14.68
N ALA A 50 -13.47 -12.88 -13.71
CA ALA A 50 -13.96 -11.64 -13.14
C ALA A 50 -12.90 -11.01 -12.24
N TYR A 51 -12.09 -11.84 -11.56
CA TYR A 51 -10.95 -11.42 -10.75
C TYR A 51 -9.91 -10.81 -11.67
N SER A 52 -9.74 -11.40 -12.87
CA SER A 52 -8.79 -10.95 -13.89
C SER A 52 -9.18 -9.59 -14.45
N ILE A 53 -10.47 -9.37 -14.68
CA ILE A 53 -10.96 -8.08 -15.16
C ILE A 53 -10.67 -7.00 -14.09
N LEU A 54 -10.80 -7.36 -12.79
CA LEU A 54 -10.53 -6.47 -11.68
C LEU A 54 -9.05 -6.18 -11.56
N SER A 55 -8.21 -7.19 -11.87
CA SER A 55 -6.75 -7.02 -11.89
C SER A 55 -6.37 -6.01 -13.00
N GLU A 56 -7.04 -6.11 -14.18
CA GLU A 56 -6.88 -5.22 -15.34
C GLU A 56 -7.40 -3.83 -15.02
N VAL A 57 -8.49 -3.73 -14.21
CA VAL A 57 -9.10 -2.45 -13.81
C VAL A 57 -8.07 -1.64 -12.99
N GLN A 58 -7.49 -2.27 -11.98
CA GLN A 58 -6.53 -1.66 -11.09
C GLN A 58 -5.28 -1.19 -11.83
N GLN A 59 -4.79 -1.99 -12.78
CA GLN A 59 -3.63 -1.68 -13.59
C GLN A 59 -3.88 -0.48 -14.51
N ALA A 60 -5.11 -0.40 -15.08
CA ALA A 60 -5.56 0.68 -15.97
C ALA A 60 -5.74 1.99 -15.21
N VAL A 61 -6.14 1.92 -13.93
CA VAL A 61 -6.32 3.12 -13.11
C VAL A 61 -4.91 3.66 -12.76
N SER A 62 -4.01 2.76 -12.29
CA SER A 62 -2.63 3.04 -11.88
C SER A 62 -1.84 3.65 -13.04
N GLN A 63 -1.58 2.85 -14.10
CA GLN A 63 -0.93 3.27 -15.33
C GLN A 63 -2.02 4.02 -16.11
N GLY A 64 -1.79 5.30 -16.41
CA GLY A 64 -2.74 6.16 -17.11
C GLY A 64 -3.40 5.56 -18.35
N SER A 65 -4.72 5.27 -18.24
CA SER A 65 -5.55 4.73 -19.32
C SER A 65 -6.84 5.54 -19.42
N SER A 66 -7.41 5.60 -20.62
CA SER A 66 -8.62 6.34 -20.95
C SER A 66 -9.84 5.95 -20.12
N ASP A 67 -10.73 6.92 -19.85
CA ASP A 67 -11.99 6.70 -19.13
C ASP A 67 -12.80 5.65 -19.90
N SER A 68 -12.73 5.70 -21.25
CA SER A 68 -13.34 4.78 -22.20
C SER A 68 -12.85 3.35 -21.95
N GLN A 69 -11.53 3.17 -21.70
CA GLN A 69 -10.90 1.87 -21.45
C GLN A 69 -11.41 1.22 -20.17
N ILE A 70 -11.39 1.96 -19.04
CA ILE A 70 -11.79 1.46 -17.73
C ILE A 70 -13.29 1.13 -17.72
N LEU A 71 -14.10 1.90 -18.48
CA LEU A 71 -15.54 1.73 -18.64
C LEU A 71 -15.82 0.45 -19.40
N ASP A 72 -15.00 0.12 -20.42
CA ASP A 72 -15.16 -1.12 -21.17
C ASP A 72 -14.81 -2.31 -20.28
N LEU A 73 -13.73 -2.20 -19.47
CA LEU A 73 -13.30 -3.24 -18.54
C LEU A 73 -14.37 -3.45 -17.47
N SER A 74 -14.99 -2.36 -17.01
CA SER A 74 -16.10 -2.33 -16.06
C SER A 74 -17.34 -3.02 -16.66
N ASN A 75 -17.72 -2.64 -17.92
CA ASN A 75 -18.87 -3.18 -18.66
C ASN A 75 -18.78 -4.70 -18.76
N ARG A 76 -17.56 -5.22 -19.00
CA ARG A 76 -17.24 -6.64 -19.08
C ARG A 76 -17.42 -7.32 -17.73
N PHE A 77 -17.05 -6.65 -16.60
CA PHE A 77 -17.24 -7.25 -15.24
C PHE A 77 -18.75 -7.54 -15.02
N TYR A 78 -19.59 -6.55 -15.34
CA TYR A 78 -21.04 -6.62 -15.18
C TYR A 78 -21.71 -7.54 -16.19
N THR A 79 -21.00 -7.86 -17.29
CA THR A 79 -21.47 -8.81 -18.28
C THR A 79 -21.26 -10.19 -17.61
N LEU A 80 -20.00 -10.49 -17.25
CA LEU A 80 -19.54 -11.68 -16.59
C LEU A 80 -20.28 -12.03 -15.30
N ILE A 81 -20.48 -11.05 -14.39
CA ILE A 81 -21.19 -11.27 -13.12
C ILE A 81 -22.38 -10.31 -13.12
N PRO A 82 -23.60 -10.79 -13.52
CA PRO A 82 -24.76 -9.90 -13.57
C PRO A 82 -25.24 -9.44 -12.20
N HIS A 83 -25.47 -8.14 -12.07
CA HIS A 83 -25.95 -7.52 -10.85
C HIS A 83 -27.30 -6.87 -11.13
N ASP A 84 -27.97 -6.42 -10.07
CA ASP A 84 -29.25 -5.71 -10.10
C ASP A 84 -29.22 -4.75 -8.93
N PHE A 85 -29.24 -3.43 -9.22
CA PHE A 85 -29.16 -2.40 -8.20
C PHE A 85 -30.47 -1.63 -8.04
N PRO A 90 -25.52 0.75 -11.96
CA PRO A 90 -24.31 -0.01 -12.32
C PRO A 90 -23.00 0.76 -12.02
N PRO A 91 -22.55 0.84 -10.73
CA PRO A 91 -21.33 1.60 -10.40
C PRO A 91 -20.08 1.30 -11.23
N LEU A 92 -19.42 2.37 -11.71
CA LEU A 92 -18.20 2.29 -12.50
C LEU A 92 -17.02 1.90 -11.62
N LEU A 93 -16.31 0.85 -12.03
CA LEU A 93 -15.14 0.30 -11.34
C LEU A 93 -13.96 1.07 -11.91
N ASN A 94 -13.63 2.16 -11.25
CA ASN A 94 -12.63 3.11 -11.70
C ASN A 94 -11.66 3.49 -10.62
N ASN A 95 -11.82 2.93 -9.41
CA ASN A 95 -10.96 3.26 -8.28
C ASN A 95 -10.71 2.04 -7.39
N ALA A 96 -9.76 2.16 -6.43
CA ALA A 96 -9.36 1.12 -5.48
C ALA A 96 -10.51 0.65 -4.60
N ASP A 97 -11.39 1.62 -4.20
CA ASP A 97 -12.56 1.41 -3.35
C ASP A 97 -13.59 0.53 -4.05
N SER A 98 -13.92 0.88 -5.30
CA SER A 98 -14.89 0.14 -6.13
C SER A 98 -14.35 -1.26 -6.40
N VAL A 99 -13.03 -1.38 -6.60
CA VAL A 99 -12.36 -2.67 -6.84
C VAL A 99 -12.43 -3.53 -5.60
N GLN A 100 -12.01 -3.01 -4.40
CA GLN A 100 -12.05 -3.76 -3.13
C GLN A 100 -13.45 -4.34 -2.86
N ALA A 101 -14.53 -3.57 -3.14
CA ALA A 101 -15.90 -4.03 -2.92
C ALA A 101 -16.24 -5.23 -3.81
N LYS A 102 -15.75 -5.23 -5.07
CA LYS A 102 -15.98 -6.37 -5.98
C LYS A 102 -15.08 -7.57 -5.65
N VAL A 103 -13.88 -7.32 -5.09
CA VAL A 103 -12.91 -8.35 -4.68
C VAL A 103 -13.48 -9.13 -3.50
N GLU A 104 -14.09 -8.40 -2.53
CA GLU A 104 -14.75 -8.96 -1.37
C GLU A 104 -15.97 -9.80 -1.78
N MET A 105 -16.73 -9.37 -2.80
CA MET A 105 -17.86 -10.17 -3.32
C MET A 105 -17.38 -11.47 -3.99
N LEU A 106 -16.34 -11.39 -4.87
CA LEU A 106 -15.78 -12.57 -5.55
C LEU A 106 -15.18 -13.56 -4.57
N ASP A 107 -14.58 -13.07 -3.47
CA ASP A 107 -14.04 -13.96 -2.43
C ASP A 107 -15.17 -14.83 -1.90
N ASN A 108 -16.38 -14.22 -1.74
CA ASN A 108 -17.57 -14.92 -1.28
C ASN A 108 -18.15 -15.81 -2.36
N LEU A 109 -18.21 -15.34 -3.63
CA LEU A 109 -18.71 -16.15 -4.74
C LEU A 109 -17.87 -17.39 -4.93
N LEU A 110 -16.51 -17.26 -4.97
CA LEU A 110 -15.59 -18.38 -5.09
C LEU A 110 -15.89 -19.49 -4.08
N ASP A 111 -16.06 -19.16 -2.77
CA ASP A 111 -16.35 -20.18 -1.75
C ASP A 111 -17.81 -20.74 -1.81
N ILE A 112 -18.79 -19.93 -2.31
CA ILE A 112 -20.20 -20.35 -2.49
C ILE A 112 -20.24 -21.40 -3.61
N GLU A 113 -19.56 -21.10 -4.76
CA GLU A 113 -19.43 -22.03 -5.90
C GLU A 113 -18.71 -23.30 -5.44
N VAL A 114 -17.70 -23.19 -4.56
CA VAL A 114 -17.04 -24.40 -4.02
C VAL A 114 -18.13 -25.27 -3.32
N ALA A 115 -18.83 -24.71 -2.30
CA ALA A 115 -19.92 -25.38 -1.55
C ALA A 115 -21.06 -25.95 -2.42
N TYR A 116 -21.38 -25.32 -3.59
CA TYR A 116 -22.44 -25.80 -4.46
C TYR A 116 -21.96 -26.91 -5.41
N SER A 117 -20.66 -26.91 -5.74
CA SER A 117 -20.02 -27.93 -6.59
C SER A 117 -19.95 -29.25 -5.84
N LEU A 118 -19.54 -29.21 -4.53
CA LEU A 118 -19.47 -30.38 -3.68
C LEU A 118 -20.87 -30.96 -3.52
N LEU A 119 -21.82 -30.11 -3.10
CA LEU A 119 -23.21 -30.44 -2.86
C LEU A 119 -23.85 -31.18 -4.02
N ARG A 120 -23.80 -30.59 -5.21
CA ARG A 120 -24.38 -31.17 -6.43
C ARG A 120 -23.28 -31.93 -7.21
N GLY A 121 -22.80 -33.04 -6.60
CA GLY A 121 -21.76 -33.89 -7.16
C GLY A 121 -21.66 -35.24 -6.48
N SER A 127 -28.74 -44.45 -0.64
CA SER A 127 -27.52 -45.17 -0.33
C SER A 127 -27.16 -45.05 1.16
N LYS A 128 -26.66 -43.85 1.58
CA LYS A 128 -26.29 -43.42 2.97
C LYS A 128 -27.10 -42.14 3.29
N ASP A 129 -27.12 -41.69 4.57
CA ASP A 129 -27.80 -40.44 4.95
C ASP A 129 -27.10 -39.23 4.28
N PRO A 130 -27.85 -38.37 3.54
CA PRO A 130 -27.23 -37.20 2.87
C PRO A 130 -26.31 -36.33 3.74
N ILE A 131 -26.58 -36.26 5.06
CA ILE A 131 -25.77 -35.54 6.05
C ILE A 131 -24.39 -36.21 6.15
N ASP A 132 -24.34 -37.56 6.27
CA ASP A 132 -23.09 -38.32 6.35
C ASP A 132 -22.27 -38.14 5.08
N VAL A 133 -22.96 -38.11 3.91
CA VAL A 133 -22.38 -37.89 2.58
C VAL A 133 -21.68 -36.50 2.57
N ASN A 134 -22.45 -35.43 2.83
CA ASN A 134 -21.97 -34.05 2.85
C ASN A 134 -20.84 -33.88 3.86
N TYR A 135 -20.91 -34.59 5.01
CA TYR A 135 -19.83 -34.56 6.00
C TYR A 135 -18.53 -35.16 5.44
N GLU A 136 -18.65 -36.22 4.61
CA GLU A 136 -17.49 -36.87 4.02
C GLU A 136 -16.84 -35.99 2.94
N LYS A 137 -17.66 -35.22 2.18
CA LYS A 137 -17.17 -34.31 1.13
C LYS A 137 -16.29 -33.20 1.71
N LEU A 138 -16.37 -32.98 3.03
CA LEU A 138 -15.58 -32.00 3.76
C LEU A 138 -14.16 -32.46 3.91
N LYS A 139 -13.93 -33.81 4.02
CA LYS A 139 -12.60 -34.44 4.18
C LYS A 139 -11.86 -33.84 5.37
N THR A 140 -12.62 -33.66 6.45
CA THR A 140 -12.20 -33.06 7.73
C THR A 140 -12.86 -33.87 8.83
N ASP A 141 -12.05 -34.33 9.80
CA ASP A 141 -12.58 -35.01 10.97
C ASP A 141 -13.10 -33.93 11.90
N ILE A 142 -14.33 -34.10 12.42
CA ILE A 142 -14.95 -33.13 13.32
C ILE A 142 -15.40 -33.81 14.59
N LYS A 143 -14.92 -33.30 15.71
CA LYS A 143 -15.28 -33.79 17.03
C LYS A 143 -15.78 -32.65 17.86
N VAL A 144 -16.76 -32.92 18.72
CA VAL A 144 -17.32 -31.94 19.66
C VAL A 144 -16.32 -31.94 20.78
N VAL A 145 -15.97 -30.75 21.27
CA VAL A 145 -15.06 -30.60 22.40
C VAL A 145 -15.95 -30.46 23.61
N ASP A 146 -15.74 -31.33 24.63
CA ASP A 146 -16.50 -31.29 25.89
C ASP A 146 -16.35 -29.91 26.54
N ARG A 147 -17.48 -29.32 26.97
CA ARG A 147 -17.61 -28.01 27.60
C ARG A 147 -16.67 -27.78 28.79
N ASP A 148 -16.43 -28.85 29.59
CA ASP A 148 -15.64 -28.78 30.81
C ASP A 148 -14.16 -29.19 30.66
N SER A 149 -13.67 -29.39 29.41
CA SER A 149 -12.28 -29.74 29.16
C SER A 149 -11.35 -28.52 29.34
N GLU A 150 -10.01 -28.74 29.31
CA GLU A 150 -9.01 -27.67 29.42
C GLU A 150 -9.04 -26.83 28.12
N GLU A 151 -9.27 -27.50 26.98
CA GLU A 151 -9.39 -26.93 25.64
C GLU A 151 -10.54 -25.91 25.61
N ALA A 152 -11.72 -26.27 26.17
CA ALA A 152 -12.91 -25.40 26.26
C ALA A 152 -12.79 -24.37 27.39
N GLU A 153 -11.78 -24.51 28.24
CA GLU A 153 -11.51 -23.58 29.35
C GLU A 153 -10.82 -22.37 28.74
N ILE A 154 -9.74 -22.65 27.98
CA ILE A 154 -8.84 -21.76 27.27
C ILE A 154 -9.57 -21.04 26.13
N ILE A 155 -10.31 -21.80 25.28
CA ILE A 155 -11.03 -21.27 24.13
C ILE A 155 -12.09 -20.25 24.56
N ARG A 156 -12.81 -20.49 25.68
CA ARG A 156 -13.83 -19.55 26.17
C ARG A 156 -13.26 -18.26 26.80
N LYS A 157 -12.12 -18.34 27.51
CA LYS A 157 -11.49 -17.18 28.16
C LYS A 157 -10.97 -16.20 27.10
N TYR A 158 -10.34 -16.77 26.04
CA TYR A 158 -9.83 -16.12 24.83
C TYR A 158 -10.93 -15.24 24.21
N VAL A 159 -12.19 -15.72 24.19
CA VAL A 159 -13.35 -15.02 23.64
C VAL A 159 -13.75 -13.79 24.46
N LYS A 160 -14.02 -13.97 25.76
CA LYS A 160 -14.49 -12.91 26.66
C LYS A 160 -13.53 -11.72 26.72
N ASN A 161 -12.23 -12.05 26.80
CA ASN A 161 -11.14 -11.10 26.96
C ASN A 161 -10.83 -10.32 25.72
N THR A 162 -10.55 -11.04 24.60
CA THR A 162 -10.13 -10.44 23.33
C THR A 162 -11.29 -9.87 22.47
N HIS A 163 -12.49 -9.63 23.06
CA HIS A 163 -13.58 -8.96 22.36
C HIS A 163 -13.30 -7.49 22.61
N ALA A 164 -13.03 -6.74 21.53
CA ALA A 164 -12.73 -5.29 21.52
C ALA A 164 -13.84 -4.42 22.07
N THR A 165 -13.44 -3.34 22.80
CA THR A 165 -14.33 -2.35 23.42
C THR A 165 -15.15 -1.60 22.36
N THR A 166 -14.56 -1.33 21.16
CA THR A 166 -15.28 -0.59 20.09
C THR A 166 -16.33 -1.46 19.34
N HIS A 167 -16.21 -2.81 19.42
CA HIS A 167 -17.16 -3.74 18.78
C HIS A 167 -18.22 -4.15 19.82
N ASN A 168 -18.57 -3.19 20.69
CA ASN A 168 -19.53 -3.34 21.78
C ASN A 168 -20.97 -3.55 21.30
N ALA A 169 -21.25 -3.38 19.98
CA ALA A 169 -22.58 -3.53 19.35
C ALA A 169 -23.27 -4.87 19.64
N TYR A 170 -22.49 -5.91 19.97
CA TYR A 170 -22.96 -7.25 20.33
C TYR A 170 -22.04 -7.88 21.40
N ASP A 171 -22.54 -8.92 22.07
CA ASP A 171 -21.80 -9.74 23.05
C ASP A 171 -21.79 -11.14 22.46
N LEU A 172 -20.71 -11.90 22.69
CA LEU A 172 -20.62 -13.26 22.16
C LEU A 172 -20.82 -14.35 23.20
N GLU A 173 -21.54 -15.41 22.78
CA GLU A 173 -21.90 -16.59 23.56
C GLU A 173 -21.55 -17.87 22.79
N VAL A 174 -20.69 -18.71 23.38
CA VAL A 174 -20.21 -19.99 22.85
C VAL A 174 -21.30 -21.08 22.91
N ILE A 175 -21.67 -21.63 21.74
CA ILE A 175 -22.69 -22.66 21.65
C ILE A 175 -21.98 -23.98 21.63
N ASP A 176 -21.09 -24.17 20.64
CA ASP A 176 -20.36 -25.39 20.45
C ASP A 176 -18.93 -25.09 20.02
N ILE A 177 -18.00 -25.94 20.45
CA ILE A 177 -16.59 -25.86 20.11
C ILE A 177 -16.29 -27.20 19.47
N PHE A 178 -15.82 -27.16 18.22
CA PHE A 178 -15.43 -28.34 17.47
C PHE A 178 -13.90 -28.38 17.27
N LYS A 179 -13.29 -29.59 17.50
CA LYS A 179 -11.88 -29.88 17.24
C LYS A 179 -11.91 -30.39 15.81
N ILE A 180 -11.08 -29.81 14.94
CA ILE A 180 -11.13 -30.22 13.54
C ILE A 180 -9.79 -30.71 13.05
N GLU A 181 -9.79 -31.52 11.98
CA GLU A 181 -8.60 -32.09 11.41
C GLU A 181 -8.80 -32.32 9.93
N ARG A 182 -8.28 -31.42 9.13
CA ARG A 182 -8.36 -31.49 7.68
C ARG A 182 -7.42 -32.61 7.17
N GLU A 183 -7.89 -33.44 6.23
CA GLU A 183 -7.04 -34.50 5.67
C GLU A 183 -5.84 -33.91 4.92
N GLY A 184 -4.64 -34.36 5.30
CA GLY A 184 -3.37 -33.94 4.69
C GLY A 184 -2.75 -32.66 5.24
N GLU A 185 -3.50 -31.91 6.08
CA GLU A 185 -3.07 -30.63 6.65
C GLU A 185 -1.87 -30.75 7.62
N CYS A 186 -1.80 -31.79 8.48
CA CYS A 186 -0.66 -31.97 9.40
C CYS A 186 0.62 -32.31 8.62
N GLN A 187 0.50 -33.18 7.57
CA GLN A 187 1.57 -33.61 6.67
C GLN A 187 2.04 -32.43 5.78
N ARG A 188 1.08 -31.59 5.31
CA ARG A 188 1.40 -30.37 4.54
C ARG A 188 2.06 -29.35 5.47
N TYR A 189 1.63 -29.32 6.78
CA TYR A 189 2.14 -28.45 7.84
C TYR A 189 3.56 -28.83 8.31
N LYS A 190 3.90 -30.15 8.33
CA LYS A 190 5.19 -30.74 8.73
C LYS A 190 6.39 -29.74 8.51
N PRO A 191 6.70 -29.26 7.27
CA PRO A 191 7.82 -28.29 7.12
C PRO A 191 7.87 -27.10 8.10
N PHE A 192 6.72 -26.58 8.54
CA PHE A 192 6.63 -25.44 9.47
C PHE A 192 6.39 -25.85 10.91
N LYS A 193 6.10 -27.16 11.12
CA LYS A 193 5.87 -27.73 12.44
C LYS A 193 7.02 -27.43 13.41
N GLN A 194 8.19 -27.03 12.85
CA GLN A 194 9.46 -26.70 13.49
C GLN A 194 9.59 -25.22 13.90
N LEU A 195 9.05 -24.30 13.06
CA LEU A 195 9.12 -22.84 13.17
C LEU A 195 8.81 -22.25 14.54
N HIS A 196 9.51 -21.17 14.87
CA HIS A 196 9.30 -20.40 16.09
C HIS A 196 8.12 -19.44 15.82
N ASN A 197 7.59 -18.82 16.90
CA ASN A 197 6.47 -17.88 16.89
C ASN A 197 5.20 -18.57 16.34
N ARG A 198 4.61 -19.45 17.16
CA ARG A 198 3.41 -20.22 16.79
C ARG A 198 2.24 -19.73 17.59
N ARG A 199 1.26 -19.08 16.94
CA ARG A 199 0.10 -18.51 17.62
C ARG A 199 -1.22 -19.08 17.14
N LEU A 200 -2.16 -19.24 18.08
CA LEU A 200 -3.52 -19.75 17.87
C LEU A 200 -4.31 -18.48 17.59
N LEU A 201 -4.70 -18.28 16.30
CA LEU A 201 -5.41 -17.04 15.93
C LEU A 201 -6.80 -17.23 15.31
N TRP A 202 -7.63 -16.16 15.40
CA TRP A 202 -9.00 -16.12 14.89
C TRP A 202 -9.11 -15.87 13.37
N HIS A 203 -10.04 -16.57 12.72
CA HIS A 203 -10.39 -16.35 11.33
C HIS A 203 -11.87 -16.56 11.20
N GLY A 204 -12.56 -15.44 11.02
CA GLY A 204 -14.01 -15.42 10.88
C GLY A 204 -14.36 -15.22 9.44
N SER A 205 -15.44 -15.85 8.97
CA SER A 205 -15.89 -15.76 7.59
C SER A 205 -17.40 -16.05 7.59
N ARG A 206 -18.12 -15.78 6.48
CA ARG A 206 -19.54 -16.11 6.43
C ARG A 206 -19.65 -17.65 6.45
N THR A 207 -20.75 -18.18 7.03
CA THR A 207 -21.07 -19.60 7.17
C THR A 207 -21.06 -20.31 5.83
N THR A 208 -21.36 -19.53 4.76
CA THR A 208 -21.46 -19.92 3.37
C THR A 208 -20.11 -20.15 2.73
N ASN A 209 -19.03 -19.90 3.49
CA ASN A 209 -17.66 -20.10 3.04
C ASN A 209 -17.01 -21.31 3.71
N PHE A 210 -17.63 -21.82 4.79
CA PHE A 210 -17.08 -22.94 5.58
C PHE A 210 -16.97 -24.27 4.83
N ALA A 211 -17.82 -24.55 3.82
CA ALA A 211 -17.64 -25.79 3.08
C ALA A 211 -16.31 -25.71 2.35
N GLY A 212 -16.04 -24.55 1.73
CA GLY A 212 -14.81 -24.25 1.01
C GLY A 212 -13.59 -24.27 1.90
N ILE A 213 -13.68 -23.67 3.10
CA ILE A 213 -12.59 -23.64 4.07
C ILE A 213 -12.26 -25.06 4.61
N LEU A 214 -13.27 -25.91 4.89
CA LEU A 214 -12.96 -27.26 5.41
C LEU A 214 -12.52 -28.19 4.30
N SER A 215 -13.20 -28.20 3.14
CA SER A 215 -12.78 -29.06 2.03
C SER A 215 -11.44 -28.72 1.42
N GLN A 216 -11.13 -27.40 1.29
CA GLN A 216 -9.88 -27.00 0.66
C GLN A 216 -8.90 -26.31 1.61
N GLY A 217 -9.33 -25.98 2.82
CA GLY A 217 -8.51 -25.26 3.79
C GLY A 217 -8.46 -23.77 3.47
N LEU A 218 -7.85 -22.98 4.34
CA LEU A 218 -7.64 -21.57 4.04
C LEU A 218 -6.59 -21.49 2.92
N ARG A 219 -6.96 -20.85 1.80
CA ARG A 219 -6.11 -20.67 0.62
C ARG A 219 -5.56 -19.22 0.50
N ILE A 220 -4.82 -18.99 -0.60
CA ILE A 220 -4.34 -17.71 -1.05
C ILE A 220 -5.31 -17.44 -2.20
N ALA A 221 -5.72 -16.16 -2.36
CA ALA A 221 -6.67 -15.76 -3.41
C ALA A 221 -6.19 -16.23 -4.79
N PRO A 222 -7.08 -16.52 -5.77
CA PRO A 222 -6.61 -16.96 -7.09
C PRO A 222 -5.54 -16.08 -7.72
N PRO A 223 -4.69 -16.66 -8.60
CA PRO A 223 -3.65 -15.85 -9.26
C PRO A 223 -4.20 -14.61 -9.96
N GLU A 224 -5.45 -14.71 -10.38
CA GLU A 224 -6.17 -13.65 -11.10
C GLU A 224 -6.61 -12.50 -10.22
N ALA A 225 -6.68 -12.70 -8.91
CA ALA A 225 -7.10 -11.67 -7.94
C ALA A 225 -6.01 -10.58 -7.82
N PRO A 226 -6.38 -9.29 -7.85
CA PRO A 226 -5.37 -8.23 -7.70
C PRO A 226 -4.75 -8.21 -6.28
N VAL A 227 -3.40 -8.11 -6.18
CA VAL A 227 -2.77 -8.02 -4.84
C VAL A 227 -3.21 -6.72 -4.15
N THR A 228 -3.55 -5.67 -4.93
CA THR A 228 -4.06 -4.36 -4.46
C THR A 228 -5.47 -4.42 -3.84
N GLY A 229 -6.19 -5.53 -4.04
CA GLY A 229 -7.53 -5.73 -3.50
C GLY A 229 -7.54 -6.14 -2.04
N TYR A 230 -6.37 -6.38 -1.43
CA TYR A 230 -6.24 -6.77 -0.01
C TYR A 230 -5.18 -5.88 0.65
N MET A 231 -5.48 -5.34 1.85
CA MET A 231 -4.65 -4.39 2.60
C MET A 231 -3.20 -4.80 2.74
N PHE A 232 -2.96 -6.07 3.00
CA PHE A 232 -1.61 -6.54 3.13
C PHE A 232 -1.24 -7.56 2.04
N GLY A 233 -1.89 -7.42 0.88
CA GLY A 233 -1.66 -8.29 -0.26
C GLY A 233 -2.30 -9.68 -0.13
N LYS A 234 -1.86 -10.59 -1.02
CA LYS A 234 -2.41 -11.93 -1.17
C LYS A 234 -1.88 -12.96 -0.17
N GLY A 235 -2.35 -12.84 1.08
CA GLY A 235 -2.05 -13.75 2.18
C GLY A 235 -3.30 -14.34 2.83
N ILE A 236 -3.11 -14.98 3.99
CA ILE A 236 -4.18 -15.56 4.81
C ILE A 236 -4.09 -14.73 6.07
N TYR A 237 -5.23 -14.12 6.44
CA TYR A 237 -5.41 -13.12 7.50
C TYR A 237 -6.02 -13.63 8.76
N PHE A 238 -5.45 -13.21 9.89
CA PHE A 238 -5.90 -13.61 11.22
C PHE A 238 -5.91 -12.42 12.16
N ALA A 239 -6.72 -12.49 13.20
CA ALA A 239 -6.81 -11.48 14.24
C ALA A 239 -6.54 -12.18 15.59
N ASP A 240 -6.17 -11.42 16.61
CA ASP A 240 -5.94 -11.92 17.95
C ASP A 240 -7.03 -11.38 18.87
N MET A 241 -7.95 -10.59 18.28
CA MET A 241 -9.11 -10.00 18.93
C MET A 241 -10.31 -10.67 18.28
N VAL A 242 -11.05 -11.48 19.06
CA VAL A 242 -12.19 -12.28 18.59
C VAL A 242 -13.21 -11.46 17.79
N SER A 243 -13.57 -10.25 18.24
CA SER A 243 -14.59 -9.44 17.59
C SER A 243 -14.15 -8.93 16.20
N LYS A 244 -12.84 -8.76 15.98
CA LYS A 244 -12.30 -8.35 14.67
C LYS A 244 -12.68 -9.40 13.64
N SER A 245 -12.43 -10.69 13.96
CA SER A 245 -12.82 -11.81 13.11
C SER A 245 -14.31 -12.10 13.12
N ALA A 246 -14.98 -11.93 14.29
CA ALA A 246 -16.42 -12.20 14.38
C ALA A 246 -17.27 -11.23 13.52
N ASN A 247 -16.80 -10.01 13.32
CA ASN A 247 -17.46 -9.01 12.41
C ASN A 247 -17.59 -9.54 10.98
N TYR A 248 -16.68 -10.46 10.57
CA TYR A 248 -16.59 -11.07 9.24
C TYR A 248 -17.51 -12.24 9.04
N CYS A 249 -18.29 -12.56 10.07
CA CYS A 249 -19.31 -13.58 10.07
C CYS A 249 -20.54 -12.95 9.43
N HIS A 250 -20.62 -11.60 9.49
CA HIS A 250 -21.74 -10.82 8.95
C HIS A 250 -23.08 -11.33 9.48
N THR A 251 -23.17 -11.55 10.81
CA THR A 251 -24.42 -12.01 11.42
C THR A 251 -25.40 -10.85 11.55
N SER A 252 -26.68 -11.11 11.19
CA SER A 252 -27.80 -10.17 11.23
C SER A 252 -28.73 -10.57 12.38
N GLN A 253 -30.04 -10.73 12.08
CA GLN A 253 -31.07 -11.17 13.01
C GLN A 253 -31.80 -12.41 12.52
N GLY A 254 -31.90 -12.55 11.19
CA GLY A 254 -32.46 -13.74 10.54
C GLY A 254 -31.53 -14.94 10.73
N ASP A 255 -30.28 -14.63 11.16
CA ASP A 255 -29.21 -15.54 11.51
C ASP A 255 -28.20 -14.83 12.46
N PRO A 256 -28.44 -14.86 13.79
CA PRO A 256 -27.51 -14.23 14.74
C PRO A 256 -26.44 -15.23 15.22
N ILE A 257 -26.26 -16.32 14.45
CA ILE A 257 -25.32 -17.40 14.70
C ILE A 257 -24.28 -17.46 13.59
N GLY A 258 -23.02 -17.25 13.97
CA GLY A 258 -21.86 -17.29 13.08
C GLY A 258 -20.85 -18.35 13.48
N LEU A 259 -19.93 -18.66 12.54
CA LEU A 259 -18.81 -19.62 12.72
C LEU A 259 -17.47 -18.91 12.54
N ILE A 260 -16.53 -19.23 13.45
CA ILE A 260 -15.18 -18.72 13.53
C ILE A 260 -14.18 -19.90 13.68
N LEU A 261 -13.02 -19.76 13.09
CA LEU A 261 -11.97 -20.73 13.16
C LEU A 261 -10.93 -20.24 14.10
N LEU A 262 -10.16 -21.17 14.65
CA LEU A 262 -8.94 -21.01 15.45
C LEU A 262 -7.93 -21.89 14.73
N GLY A 263 -6.89 -21.25 14.24
CA GLY A 263 -5.84 -21.91 13.52
C GLY A 263 -4.52 -21.64 14.17
N GLU A 264 -3.64 -22.68 14.24
CA GLU A 264 -2.28 -22.56 14.71
C GLU A 264 -1.56 -21.99 13.50
N VAL A 265 -0.93 -20.83 13.68
CA VAL A 265 -0.27 -20.08 12.61
C VAL A 265 1.22 -19.97 12.88
N ALA A 266 2.03 -20.33 11.87
CA ALA A 266 3.50 -20.29 11.91
C ALA A 266 4.01 -18.87 11.53
N LEU A 267 4.03 -17.97 12.54
CA LEU A 267 4.38 -16.57 12.35
C LEU A 267 5.87 -16.32 12.04
N GLY A 268 6.79 -17.08 12.64
CA GLY A 268 8.23 -16.91 12.42
C GLY A 268 8.67 -15.49 12.72
N ASN A 269 9.42 -14.87 11.78
CA ASN A 269 9.84 -13.47 11.94
C ASN A 269 8.78 -12.55 11.35
N MET A 270 8.15 -11.72 12.18
CA MET A 270 7.06 -10.83 11.77
C MET A 270 7.51 -9.48 11.18
N TYR A 271 7.15 -9.24 9.89
CA TYR A 271 7.43 -7.96 9.26
C TYR A 271 6.35 -7.02 9.71
N GLU A 272 6.68 -6.16 10.69
CA GLU A 272 5.74 -5.21 11.29
C GLU A 272 5.43 -4.05 10.37
N LEU A 273 4.12 -3.87 10.07
CA LEU A 273 3.62 -2.81 9.19
C LEU A 273 2.47 -2.04 9.84
N LYS A 274 2.40 -0.74 9.60
CA LYS A 274 1.38 0.14 10.19
C LYS A 274 0.29 0.45 9.18
N HIS A 275 0.67 0.39 7.89
CA HIS A 275 -0.23 0.76 6.79
C HIS A 275 -0.26 -0.24 5.67
N ALA A 276 -1.24 -0.12 4.76
CA ALA A 276 -1.42 -0.98 3.59
C ALA A 276 -0.11 -1.27 2.84
N SER A 277 0.09 -2.52 2.45
CA SER A 277 1.27 -2.98 1.72
C SER A 277 0.85 -4.15 0.83
N HIS A 278 0.66 -3.86 -0.44
CA HIS A 278 0.22 -4.85 -1.44
C HIS A 278 1.39 -5.71 -1.90
N ILE A 279 1.78 -6.61 -0.99
CA ILE A 279 2.89 -7.56 -1.01
C ILE A 279 2.52 -8.87 -1.70
N SER A 280 3.35 -9.25 -2.67
CA SER A 280 3.23 -10.49 -3.44
C SER A 280 3.95 -11.62 -2.62
N LYS A 281 5.24 -11.38 -2.25
CA LYS A 281 6.13 -12.25 -1.44
C LYS A 281 6.82 -11.42 -0.30
N LEU A 282 7.14 -12.10 0.83
CA LEU A 282 7.81 -11.53 2.01
C LEU A 282 9.31 -11.22 1.76
N PRO A 283 9.91 -10.24 2.50
CA PRO A 283 11.36 -10.01 2.34
C PRO A 283 12.16 -11.09 3.07
N LYS A 284 13.38 -11.43 2.59
CA LYS A 284 14.24 -12.43 3.24
C LYS A 284 14.41 -12.11 4.72
N GLY A 285 14.22 -13.12 5.57
CA GLY A 285 14.33 -13.01 7.01
C GLY A 285 13.00 -12.87 7.73
N LYS A 286 11.90 -12.88 6.96
CA LYS A 286 10.52 -12.74 7.48
C LYS A 286 9.65 -13.91 7.04
N HIS A 287 8.69 -14.31 7.90
CA HIS A 287 7.77 -15.44 7.65
C HIS A 287 6.28 -15.01 7.72
N SER A 288 6.04 -13.87 8.39
CA SER A 288 4.71 -13.31 8.52
C SER A 288 4.75 -11.78 8.46
N VAL A 289 3.56 -11.15 8.44
CA VAL A 289 3.33 -9.72 8.52
C VAL A 289 2.43 -9.54 9.71
N LYS A 290 2.68 -8.49 10.48
CA LYS A 290 1.89 -8.11 11.62
C LYS A 290 1.47 -6.66 11.40
N GLY A 291 0.17 -6.44 11.19
CA GLY A 291 -0.40 -5.11 11.05
C GLY A 291 -0.61 -4.59 12.46
N LEU A 292 0.07 -3.49 12.85
CA LEU A 292 0.02 -2.96 14.21
C LEU A 292 -1.22 -2.21 14.55
N GLY A 293 -1.93 -2.72 15.55
CA GLY A 293 -3.14 -2.07 16.02
C GLY A 293 -2.87 -1.09 17.13
N LYS A 294 -3.76 -0.08 17.29
CA LYS A 294 -3.68 0.89 18.39
C LYS A 294 -3.86 0.14 19.74
N THR A 295 -4.75 -0.89 19.76
CA THR A 295 -5.03 -1.75 20.91
C THR A 295 -4.51 -3.17 20.68
N THR A 296 -3.77 -3.70 21.67
CA THR A 296 -3.19 -5.05 21.61
C THR A 296 -3.63 -5.93 22.81
N PRO A 297 -3.94 -7.24 22.65
CA PRO A 297 -4.28 -8.06 23.83
C PRO A 297 -3.01 -8.32 24.63
N ASP A 298 -2.97 -7.80 25.89
CA ASP A 298 -1.89 -7.86 26.89
C ASP A 298 -0.94 -9.07 26.77
N PRO A 299 0.39 -8.85 26.51
CA PRO A 299 1.30 -10.00 26.43
C PRO A 299 1.64 -10.61 27.79
N SER A 300 1.23 -9.94 28.90
CA SER A 300 1.44 -10.36 30.30
C SER A 300 0.38 -11.35 30.82
N ALA A 301 -0.58 -11.76 29.96
CA ALA A 301 -1.66 -12.69 30.28
C ALA A 301 -1.75 -13.82 29.25
N ASN A 302 -0.68 -14.00 28.44
CA ASN A 302 -0.58 -15.04 27.42
C ASN A 302 -0.38 -16.42 28.06
N ILE A 303 -0.90 -17.48 27.39
CA ILE A 303 -0.90 -18.87 27.82
C ILE A 303 -0.49 -19.80 26.64
N SER A 304 -0.20 -21.09 26.92
CA SER A 304 0.11 -22.08 25.87
C SER A 304 -0.88 -23.25 25.84
N LEU A 305 -1.17 -23.75 24.63
CA LEU A 305 -2.06 -24.87 24.39
C LEU A 305 -1.51 -25.79 23.28
N ASP A 306 -1.04 -27.00 23.65
CA ASP A 306 -0.51 -28.04 22.76
C ASP A 306 0.67 -27.55 21.87
N GLY A 307 1.58 -26.76 22.45
CA GLY A 307 2.74 -26.19 21.76
C GLY A 307 2.52 -24.85 21.09
N VAL A 308 1.26 -24.36 21.14
CA VAL A 308 0.82 -23.12 20.51
C VAL A 308 0.57 -22.03 21.55
N ASP A 309 1.07 -20.82 21.27
CA ASP A 309 0.87 -19.65 22.12
C ASP A 309 -0.54 -19.11 21.86
N VAL A 310 -1.23 -18.69 22.93
CA VAL A 310 -2.59 -18.18 22.87
C VAL A 310 -2.58 -16.73 23.43
N PRO A 311 -2.81 -15.69 22.57
CA PRO A 311 -2.82 -14.32 23.09
C PRO A 311 -4.17 -13.95 23.73
N LEU A 312 -4.59 -14.71 24.76
CA LEU A 312 -5.89 -14.49 25.39
C LEU A 312 -5.95 -13.27 26.37
N GLY A 313 -4.88 -12.46 26.43
CA GLY A 313 -4.80 -11.26 27.26
C GLY A 313 -5.84 -10.21 26.93
N THR A 314 -6.19 -9.35 27.92
CA THR A 314 -7.21 -8.30 27.74
C THR A 314 -6.64 -7.17 26.86
N GLY A 315 -7.53 -6.46 26.15
CA GLY A 315 -7.17 -5.38 25.25
C GLY A 315 -6.59 -4.14 25.91
N ILE A 316 -5.25 -3.95 25.76
CA ILE A 316 -4.53 -2.78 26.27
C ILE A 316 -3.73 -2.08 25.14
N SER A 317 -3.58 -0.74 25.25
CA SER A 317 -2.84 0.11 24.30
C SER A 317 -1.44 -0.46 23.98
N SER A 318 -1.07 -0.45 22.69
CA SER A 318 0.21 -0.94 22.19
C SER A 318 1.28 0.17 22.20
N GLY A 319 0.81 1.42 22.34
CA GLY A 319 1.66 2.59 22.34
C GLY A 319 1.57 3.35 21.02
N VAL A 320 1.61 2.57 19.90
CA VAL A 320 1.56 3.03 18.50
C VAL A 320 0.27 3.83 18.22
N ASN A 321 0.41 5.06 17.67
CA ASN A 321 -0.71 6.00 17.40
C ASN A 321 -0.89 6.38 15.90
N ASP A 322 0.20 6.40 15.14
CA ASP A 322 0.24 6.78 13.71
C ASP A 322 -0.08 5.58 12.77
N THR A 323 -1.04 4.73 13.17
CA THR A 323 -1.41 3.52 12.45
C THR A 323 -2.79 3.59 11.76
N SER A 324 -2.99 2.72 10.75
CA SER A 324 -4.26 2.59 10.01
C SER A 324 -5.25 1.66 10.72
N LEU A 325 -4.73 0.77 11.59
CA LEU A 325 -5.50 -0.27 12.29
C LEU A 325 -5.76 0.02 13.78
N LEU A 326 -7.03 -0.12 14.20
CA LEU A 326 -7.44 0.03 15.61
C LEU A 326 -6.94 -1.18 16.41
N TYR A 327 -6.84 -2.35 15.74
CA TYR A 327 -6.45 -3.65 16.27
C TYR A 327 -5.53 -4.38 15.32
N ASN A 328 -4.71 -5.28 15.87
CA ASN A 328 -3.74 -6.10 15.14
C ASN A 328 -4.37 -7.09 14.17
N GLU A 329 -3.52 -7.60 13.28
CA GLU A 329 -3.84 -8.62 12.27
C GLU A 329 -2.55 -9.26 11.77
N TYR A 330 -2.65 -10.52 11.36
CA TYR A 330 -1.52 -11.37 11.02
C TYR A 330 -1.69 -12.03 9.66
N ILE A 331 -0.65 -11.98 8.84
CA ILE A 331 -0.74 -12.51 7.49
C ILE A 331 0.42 -13.44 7.18
N VAL A 332 0.10 -14.65 6.63
CA VAL A 332 1.09 -15.63 6.16
C VAL A 332 0.87 -15.80 4.68
N TYR A 333 1.93 -16.10 3.90
CA TYR A 333 1.84 -16.14 2.44
C TYR A 333 2.13 -17.53 1.86
N ASP A 334 2.09 -18.56 2.72
CA ASP A 334 2.16 -19.97 2.34
C ASP A 334 1.03 -20.67 3.10
N ILE A 335 0.21 -21.48 2.37
CA ILE A 335 -0.92 -22.24 2.90
C ILE A 335 -0.47 -23.30 3.90
N ALA A 336 0.78 -23.79 3.74
CA ALA A 336 1.41 -24.76 4.65
C ALA A 336 1.74 -24.17 6.02
N GLN A 337 1.61 -22.84 6.20
CA GLN A 337 1.91 -22.16 7.46
C GLN A 337 0.74 -22.14 8.43
N VAL A 338 -0.40 -22.72 8.02
CA VAL A 338 -1.59 -22.77 8.88
C VAL A 338 -2.05 -24.18 9.21
N ASN A 339 -2.39 -24.39 10.50
CA ASN A 339 -2.97 -25.65 10.98
C ASN A 339 -4.30 -25.35 11.68
N LEU A 340 -5.40 -25.64 10.99
CA LEU A 340 -6.78 -25.46 11.48
C LEU A 340 -6.99 -26.44 12.58
N LYS A 341 -7.33 -25.92 13.75
CA LYS A 341 -7.45 -26.71 14.94
C LYS A 341 -8.87 -26.80 15.53
N TYR A 342 -9.63 -25.68 15.50
CA TYR A 342 -10.99 -25.52 16.06
C TYR A 342 -11.99 -24.64 15.29
N LEU A 343 -13.24 -25.11 15.21
CA LEU A 343 -14.35 -24.39 14.61
C LEU A 343 -15.34 -24.13 15.74
N LEU A 344 -15.63 -22.85 16.06
CA LEU A 344 -16.58 -22.49 17.13
C LEU A 344 -17.90 -22.01 16.52
N LYS A 345 -19.04 -22.44 17.10
CA LYS A 345 -20.34 -21.94 16.65
C LYS A 345 -20.73 -20.89 17.69
N LEU A 346 -20.92 -19.64 17.25
CA LEU A 346 -21.19 -18.51 18.15
C LEU A 346 -22.57 -17.95 18.04
N LYS A 347 -23.04 -17.37 19.17
CA LYS A 347 -24.31 -16.65 19.30
C LYS A 347 -23.97 -15.16 19.48
N PHE A 348 -24.53 -14.30 18.63
CA PHE A 348 -24.28 -12.85 18.71
C PHE A 348 -25.50 -12.18 19.32
N ASN A 349 -25.31 -11.45 20.45
CA ASN A 349 -26.41 -10.74 21.13
C ASN A 349 -26.27 -9.26 21.00
N PHE A 350 -27.02 -8.70 20.04
CA PHE A 350 -26.99 -7.30 19.69
C PHE A 350 -27.82 -6.41 20.60
N LYS A 351 -27.35 -5.16 20.80
CA LYS A 351 -28.02 -4.12 21.59
C LYS A 351 -29.26 -3.62 20.84
N LYS B 3 30.00 43.62 -12.02
CA LYS B 3 30.51 42.35 -12.54
C LYS B 3 30.42 41.26 -11.47
N SER B 4 29.60 40.21 -11.75
CA SER B 4 29.38 39.07 -10.87
C SER B 4 30.52 38.05 -11.05
N LYS B 5 31.02 37.49 -9.92
CA LYS B 5 32.13 36.52 -9.90
C LYS B 5 31.65 35.06 -10.16
N LEU B 6 30.70 34.91 -11.13
CA LEU B 6 30.12 33.64 -11.61
C LEU B 6 29.74 33.77 -13.08
N PRO B 7 29.99 32.75 -13.94
CA PRO B 7 29.60 32.86 -15.35
C PRO B 7 28.09 32.92 -15.57
N LYS B 8 27.68 33.35 -16.79
CA LYS B 8 26.28 33.46 -17.21
C LYS B 8 25.45 32.14 -17.02
N PRO B 9 25.92 30.88 -17.31
CA PRO B 9 25.05 29.70 -17.09
C PRO B 9 24.60 29.54 -15.64
N VAL B 10 25.53 29.68 -14.67
CA VAL B 10 25.28 29.61 -13.23
C VAL B 10 24.39 30.79 -12.83
N GLN B 11 24.70 32.02 -13.32
CA GLN B 11 23.94 33.23 -13.04
C GLN B 11 22.46 33.04 -13.35
N ASP B 12 22.15 32.37 -14.48
CA ASP B 12 20.81 32.05 -14.94
C ASP B 12 20.15 31.07 -13.96
N LEU B 13 20.89 30.01 -13.56
CA LEU B 13 20.43 28.98 -12.60
C LEU B 13 19.95 29.63 -11.30
N ILE B 14 20.76 30.54 -10.73
CA ILE B 14 20.45 31.33 -9.52
C ILE B 14 19.18 32.16 -9.76
N LYS B 15 19.09 32.83 -10.92
CA LYS B 15 17.94 33.67 -11.27
C LYS B 15 16.63 32.87 -11.46
N MET B 16 16.75 31.60 -11.85
CA MET B 16 15.60 30.70 -12.06
C MET B 16 15.06 30.18 -10.72
N ILE B 17 16.00 29.73 -9.86
CA ILE B 17 15.78 29.14 -8.53
C ILE B 17 15.11 30.14 -7.58
N PHE B 18 15.53 31.42 -7.60
CA PHE B 18 15.00 32.46 -6.71
C PHE B 18 13.94 33.38 -7.33
N ASP B 19 13.35 32.99 -8.46
CA ASP B 19 12.32 33.78 -9.12
C ASP B 19 11.06 33.80 -8.25
N VAL B 20 10.68 34.99 -7.78
CA VAL B 20 9.51 35.21 -6.92
C VAL B 20 8.18 35.09 -7.70
N GLU B 21 8.15 35.52 -8.99
CA GLU B 21 6.96 35.41 -9.85
C GLU B 21 6.59 33.93 -10.01
N SER B 22 7.63 33.08 -10.23
CA SER B 22 7.54 31.63 -10.38
C SER B 22 6.95 30.97 -9.12
N MET B 23 7.40 31.42 -7.91
CA MET B 23 6.93 30.89 -6.63
C MET B 23 5.41 31.08 -6.50
N LYS B 24 4.96 32.32 -6.75
CA LYS B 24 3.58 32.78 -6.73
C LYS B 24 2.70 32.03 -7.74
N LYS B 25 3.25 31.66 -8.91
CA LYS B 25 2.54 30.93 -9.96
C LYS B 25 2.30 29.52 -9.53
N ALA B 26 3.33 28.91 -8.89
CA ALA B 26 3.26 27.55 -8.39
C ALA B 26 2.21 27.48 -7.29
N MET B 27 2.07 28.55 -6.46
CA MET B 27 1.05 28.59 -5.41
C MET B 27 -0.36 28.66 -6.05
N VAL B 28 -0.49 29.45 -7.10
CA VAL B 28 -1.74 29.62 -7.85
C VAL B 28 -2.12 28.31 -8.60
N GLU B 29 -1.12 27.58 -9.12
CA GLU B 29 -1.31 26.29 -9.82
C GLU B 29 -1.93 25.25 -8.90
N TYR B 30 -1.80 25.43 -7.57
CA TYR B 30 -2.41 24.55 -6.55
C TYR B 30 -3.60 25.24 -5.85
N GLU B 31 -4.09 26.33 -6.51
CA GLU B 31 -5.20 27.22 -6.20
C GLU B 31 -5.25 27.70 -4.74
N ILE B 32 -4.07 28.17 -4.24
CA ILE B 32 -3.91 28.77 -2.92
C ILE B 32 -4.47 30.19 -3.02
N ASP B 33 -5.10 30.69 -1.93
CA ASP B 33 -5.64 32.04 -1.88
C ASP B 33 -4.47 33.00 -1.56
N LEU B 34 -3.92 33.64 -2.59
CA LEU B 34 -2.81 34.58 -2.46
C LEU B 34 -3.17 35.87 -1.72
N GLN B 35 -4.49 36.14 -1.49
CA GLN B 35 -4.92 37.35 -0.76
C GLN B 35 -4.93 37.10 0.75
N LYS B 36 -5.44 35.93 1.15
CA LYS B 36 -5.47 35.52 2.56
C LYS B 36 -4.07 34.99 2.94
N MET B 37 -3.37 34.35 1.99
CA MET B 37 -2.05 33.77 2.24
C MET B 37 -1.02 34.00 1.12
N PRO B 38 -0.46 35.24 0.99
CA PRO B 38 0.59 35.46 -0.02
C PRO B 38 1.94 34.87 0.40
N LEU B 39 2.90 34.86 -0.52
CA LEU B 39 4.26 34.34 -0.36
C LEU B 39 4.94 34.65 1.01
N GLY B 40 4.90 35.93 1.41
CA GLY B 40 5.43 36.44 2.68
C GLY B 40 4.74 35.90 3.91
N LYS B 41 3.45 35.54 3.80
CA LYS B 41 2.65 35.00 4.90
C LYS B 41 2.79 33.46 5.04
N LEU B 42 3.48 32.82 4.07
CA LEU B 42 3.69 31.36 4.06
C LEU B 42 4.64 30.98 5.19
N SER B 43 4.19 30.06 6.06
CA SER B 43 4.93 29.66 7.26
C SER B 43 5.20 28.16 7.32
N LYS B 44 6.40 27.78 7.81
CA LYS B 44 6.88 26.42 8.00
C LYS B 44 6.03 25.54 8.89
N ARG B 45 5.67 26.01 10.09
CA ARG B 45 4.89 25.21 11.05
C ARG B 45 3.39 25.23 10.73
N GLN B 46 2.95 26.15 9.86
CA GLN B 46 1.56 26.18 9.38
C GLN B 46 1.38 24.97 8.42
N ILE B 47 2.37 24.77 7.51
CA ILE B 47 2.49 23.69 6.51
C ILE B 47 2.63 22.39 7.27
N GLN B 48 3.42 22.42 8.35
CA GLN B 48 3.62 21.24 9.18
C GLN B 48 2.36 20.84 9.91
N ALA B 49 1.61 21.83 10.41
CA ALA B 49 0.32 21.62 11.08
C ALA B 49 -0.73 21.18 10.09
N ALA B 50 -0.56 21.52 8.78
CA ALA B 50 -1.49 21.13 7.71
C ALA B 50 -1.28 19.67 7.32
N TYR B 51 0.00 19.25 7.22
CA TYR B 51 0.39 17.85 7.01
C TYR B 51 -0.24 16.96 8.08
N SER B 52 -0.22 17.45 9.32
CA SER B 52 -0.73 16.74 10.50
C SER B 52 -2.24 16.52 10.45
N ILE B 53 -2.99 17.50 9.88
CA ILE B 53 -4.44 17.35 9.69
C ILE B 53 -4.70 16.28 8.59
N LEU B 54 -3.81 16.22 7.61
CA LEU B 54 -3.88 15.23 6.53
C LEU B 54 -3.68 13.83 7.10
N SER B 55 -2.72 13.66 8.03
CA SER B 55 -2.49 12.38 8.68
C SER B 55 -3.71 12.05 9.57
N GLU B 56 -4.32 13.05 10.24
CA GLU B 56 -5.51 12.86 11.07
C GLU B 56 -6.69 12.45 10.23
N VAL B 57 -6.78 12.97 8.96
CA VAL B 57 -7.86 12.61 8.01
C VAL B 57 -7.71 11.15 7.57
N GLN B 58 -6.53 10.79 7.06
CA GLN B 58 -6.29 9.42 6.63
C GLN B 58 -6.49 8.42 7.77
N GLN B 59 -6.12 8.80 9.01
CA GLN B 59 -6.34 7.95 10.17
C GLN B 59 -7.83 7.81 10.47
N ALA B 60 -8.62 8.93 10.32
CA ALA B 60 -10.08 8.97 10.53
C ALA B 60 -10.81 8.09 9.52
N VAL B 61 -10.39 8.11 8.25
CA VAL B 61 -10.97 7.29 7.18
C VAL B 61 -10.74 5.80 7.52
N SER B 62 -9.46 5.40 7.65
CA SER B 62 -9.03 4.04 7.88
C SER B 62 -9.69 3.37 9.09
N GLN B 63 -9.73 4.09 10.22
CA GLN B 63 -10.30 3.64 11.49
C GLN B 63 -11.85 3.83 11.56
N GLY B 64 -12.50 3.99 10.42
CA GLY B 64 -13.95 4.13 10.30
C GLY B 64 -14.60 5.22 11.12
N SER B 65 -13.95 6.40 11.23
CA SER B 65 -14.50 7.53 11.99
C SER B 65 -15.63 8.17 11.20
N SER B 66 -16.51 8.90 11.91
CA SER B 66 -17.72 9.51 11.38
C SER B 66 -17.48 10.68 10.42
N ASP B 67 -18.47 10.85 9.53
CA ASP B 67 -18.54 11.87 8.51
C ASP B 67 -18.49 13.28 9.07
N SER B 68 -18.87 13.46 10.33
CA SER B 68 -18.82 14.74 11.04
C SER B 68 -17.38 15.03 11.49
N GLN B 69 -16.67 13.99 11.94
CA GLN B 69 -15.31 14.20 12.41
C GLN B 69 -14.34 14.24 11.21
N ILE B 70 -14.69 13.61 10.07
CA ILE B 70 -13.85 13.73 8.87
C ILE B 70 -14.00 15.16 8.32
N LEU B 71 -15.24 15.69 8.37
CA LEU B 71 -15.68 17.01 7.91
C LEU B 71 -15.01 18.14 8.68
N ASP B 72 -14.96 18.07 10.03
CA ASP B 72 -14.32 19.10 10.83
C ASP B 72 -12.82 19.15 10.58
N LEU B 73 -12.16 17.97 10.40
CA LEU B 73 -10.74 17.89 10.06
C LEU B 73 -10.49 18.50 8.69
N SER B 74 -11.33 18.17 7.67
CA SER B 74 -11.27 18.77 6.33
C SER B 74 -11.46 20.30 6.43
N ASN B 75 -12.36 20.77 7.33
CA ASN B 75 -12.59 22.21 7.55
C ASN B 75 -11.38 22.86 8.23
N ARG B 76 -10.71 22.15 9.21
CA ARG B 76 -9.51 22.62 9.93
C ARG B 76 -8.36 22.90 8.95
N PHE B 77 -8.25 22.05 7.89
CA PHE B 77 -7.26 22.15 6.81
C PHE B 77 -7.42 23.43 5.98
N TYR B 78 -8.65 23.70 5.51
CA TYR B 78 -8.89 24.84 4.65
C TYR B 78 -8.86 26.18 5.37
N THR B 79 -8.90 26.17 6.72
CA THR B 79 -8.79 27.34 7.58
C THR B 79 -7.30 27.68 7.65
N LEU B 80 -6.48 26.63 7.87
CA LEU B 80 -5.03 26.66 7.95
C LEU B 80 -4.41 27.05 6.62
N ILE B 81 -4.81 26.38 5.52
CA ILE B 81 -4.33 26.68 4.16
C ILE B 81 -5.52 27.23 3.38
N PRO B 82 -5.71 28.58 3.34
CA PRO B 82 -6.85 29.14 2.57
C PRO B 82 -6.71 28.94 1.06
N HIS B 83 -7.75 28.35 0.44
CA HIS B 83 -7.77 28.10 -0.99
C HIS B 83 -8.73 29.02 -1.73
N ASP B 84 -8.51 29.17 -3.05
CA ASP B 84 -9.35 29.94 -3.97
C ASP B 84 -9.62 29.07 -5.24
N PHE B 85 -10.76 28.33 -5.36
CA PHE B 85 -11.97 28.19 -4.53
C PHE B 85 -11.91 28.75 -3.10
N LYS B 89 -15.95 24.58 -6.17
CA LYS B 89 -16.36 24.16 -4.83
C LYS B 89 -15.21 23.45 -4.06
N PRO B 90 -15.05 23.67 -2.71
CA PRO B 90 -13.91 23.06 -1.98
C PRO B 90 -13.97 21.54 -1.79
N PRO B 91 -13.11 20.75 -2.48
CA PRO B 91 -13.16 19.28 -2.33
C PRO B 91 -13.05 18.75 -0.91
N LEU B 92 -13.91 17.78 -0.58
CA LEU B 92 -13.90 17.18 0.74
C LEU B 92 -12.76 16.18 0.85
N LEU B 93 -11.93 16.35 1.87
CA LEU B 93 -10.78 15.49 2.15
C LEU B 93 -11.33 14.33 2.95
N ASN B 94 -11.68 13.24 2.25
CA ASN B 94 -12.31 12.07 2.86
C ASN B 94 -11.86 10.74 2.25
N ASN B 95 -10.80 10.76 1.43
CA ASN B 95 -10.26 9.56 0.80
C ASN B 95 -8.83 9.83 0.45
N ALA B 96 -8.06 8.75 0.16
CA ALA B 96 -6.64 8.77 -0.19
C ALA B 96 -6.30 9.67 -1.38
N ASP B 97 -7.19 9.72 -2.40
CA ASP B 97 -6.94 10.53 -3.58
C ASP B 97 -6.97 12.02 -3.26
N SER B 98 -7.92 12.42 -2.41
CA SER B 98 -8.07 13.82 -2.02
C SER B 98 -6.96 14.26 -1.05
N VAL B 99 -6.51 13.38 -0.12
CA VAL B 99 -5.45 13.78 0.78
C VAL B 99 -4.10 13.84 0.01
N GLN B 100 -3.83 12.91 -0.97
CA GLN B 100 -2.57 12.90 -1.74
C GLN B 100 -2.40 14.19 -2.57
N ALA B 101 -3.49 14.71 -3.16
CA ALA B 101 -3.46 15.96 -3.93
C ALA B 101 -3.05 17.14 -2.99
N LYS B 102 -3.37 17.03 -1.68
CA LYS B 102 -3.01 18.06 -0.70
C LYS B 102 -1.59 17.86 -0.18
N VAL B 103 -1.14 16.60 -0.11
CA VAL B 103 0.22 16.20 0.31
C VAL B 103 1.20 16.77 -0.70
N GLU B 104 0.92 16.55 -2.00
CA GLU B 104 1.69 17.03 -3.12
C GLU B 104 1.78 18.56 -3.09
N MET B 105 0.66 19.22 -2.80
CA MET B 105 0.64 20.68 -2.71
C MET B 105 1.55 21.16 -1.54
N LEU B 106 1.45 20.51 -0.37
CA LEU B 106 2.21 20.86 0.82
C LEU B 106 3.69 20.60 0.66
N ASP B 107 4.04 19.60 -0.19
CA ASP B 107 5.43 19.30 -0.52
C ASP B 107 6.04 20.52 -1.18
N ASN B 108 5.30 21.09 -2.14
CA ASN B 108 5.67 22.28 -2.91
C ASN B 108 5.74 23.52 -2.02
N LEU B 109 4.69 23.74 -1.19
CA LEU B 109 4.63 24.85 -0.25
C LEU B 109 5.85 24.89 0.72
N LEU B 110 6.24 23.72 1.30
CA LEU B 110 7.39 23.60 2.19
C LEU B 110 8.67 24.11 1.53
N ASP B 111 9.00 23.61 0.30
CA ASP B 111 10.17 24.04 -0.48
C ASP B 111 10.10 25.51 -0.92
N ILE B 112 8.89 26.03 -1.26
CA ILE B 112 8.67 27.43 -1.64
C ILE B 112 8.99 28.34 -0.44
N GLU B 113 8.49 27.99 0.75
CA GLU B 113 8.73 28.70 2.01
C GLU B 113 10.23 28.74 2.26
N VAL B 114 10.94 27.58 2.10
CA VAL B 114 12.40 27.51 2.23
C VAL B 114 13.06 28.55 1.27
N ALA B 115 12.73 28.53 -0.04
CA ALA B 115 13.28 29.50 -1.00
C ALA B 115 13.02 30.96 -0.56
N TYR B 116 11.78 31.27 -0.10
CA TYR B 116 11.40 32.63 0.32
C TYR B 116 12.08 33.09 1.61
N SER B 117 12.29 32.16 2.57
CA SER B 117 12.97 32.43 3.85
C SER B 117 14.44 32.73 3.64
N LEU B 118 15.07 32.03 2.67
CA LEU B 118 16.46 32.15 2.28
C LEU B 118 16.69 33.52 1.69
N LEU B 119 15.91 33.83 0.64
CA LEU B 119 15.93 35.04 -0.16
C LEU B 119 15.73 36.33 0.64
N ARG B 120 14.92 36.27 1.70
CA ARG B 120 14.68 37.46 2.49
C ARG B 120 15.46 37.45 3.81
N GLY B 121 16.20 36.37 4.07
CA GLY B 121 17.02 36.21 5.27
C GLY B 121 18.48 36.52 5.04
N SER B 127 26.97 44.87 0.04
CA SER B 127 27.98 45.47 -0.83
C SER B 127 28.16 44.71 -2.14
N LYS B 128 27.87 43.39 -2.10
CA LYS B 128 27.98 42.44 -3.21
C LYS B 128 26.83 42.54 -4.23
N ASP B 129 26.93 41.74 -5.31
CA ASP B 129 25.92 41.59 -6.37
C ASP B 129 24.83 40.60 -5.85
N PRO B 130 23.52 40.86 -6.03
CA PRO B 130 22.49 39.96 -5.46
C PRO B 130 22.60 38.49 -5.91
N ILE B 131 22.95 38.26 -7.19
CA ILE B 131 23.12 36.91 -7.78
C ILE B 131 24.16 36.10 -6.98
N ASP B 132 25.30 36.72 -6.59
CA ASP B 132 26.32 36.03 -5.81
C ASP B 132 25.90 35.86 -4.34
N VAL B 133 25.04 36.78 -3.80
CA VAL B 133 24.53 36.72 -2.41
C VAL B 133 23.66 35.45 -2.30
N ASN B 134 22.69 35.34 -3.23
CA ASN B 134 21.75 34.23 -3.34
C ASN B 134 22.44 32.92 -3.72
N TYR B 135 23.54 32.97 -4.49
CA TYR B 135 24.31 31.78 -4.85
C TYR B 135 24.91 31.21 -3.56
N GLU B 136 25.50 32.10 -2.74
CA GLU B 136 26.13 31.83 -1.44
C GLU B 136 25.13 31.24 -0.45
N LYS B 137 23.84 31.64 -0.57
CA LYS B 137 22.75 31.14 0.26
C LYS B 137 22.53 29.61 0.05
N LEU B 138 22.71 29.13 -1.20
CA LEU B 138 22.54 27.74 -1.58
C LEU B 138 23.52 26.77 -0.91
N LYS B 139 24.65 27.30 -0.38
CA LYS B 139 25.73 26.54 0.29
C LYS B 139 26.17 25.31 -0.53
N THR B 140 26.22 25.48 -1.87
CA THR B 140 26.56 24.44 -2.84
C THR B 140 27.58 25.01 -3.79
N ASP B 141 28.58 24.19 -4.13
CA ASP B 141 29.58 24.56 -5.12
C ASP B 141 29.01 24.13 -6.45
N ILE B 142 28.73 25.11 -7.31
CA ILE B 142 28.22 24.88 -8.65
C ILE B 142 29.30 25.30 -9.65
N LYS B 143 29.73 24.35 -10.50
CA LYS B 143 30.69 24.54 -11.60
C LYS B 143 29.99 24.10 -12.89
N VAL B 144 30.31 24.72 -14.04
CA VAL B 144 29.74 24.31 -15.32
C VAL B 144 30.59 23.14 -15.86
N VAL B 145 29.93 22.04 -16.28
CA VAL B 145 30.55 20.84 -16.88
C VAL B 145 30.67 21.15 -18.37
N ASP B 146 31.89 20.96 -18.94
CA ASP B 146 32.18 21.25 -20.34
C ASP B 146 31.41 20.34 -21.33
N ARG B 147 30.82 20.93 -22.39
CA ARG B 147 30.06 20.27 -23.46
C ARG B 147 30.83 19.08 -24.11
N ASP B 148 32.12 19.28 -24.44
CA ASP B 148 32.95 18.26 -25.08
C ASP B 148 33.62 17.26 -24.09
N SER B 149 33.25 17.31 -22.79
CA SER B 149 33.80 16.40 -21.79
C SER B 149 33.19 14.98 -21.84
N GLU B 150 33.90 14.00 -21.24
CA GLU B 150 33.52 12.58 -21.13
C GLU B 150 32.22 12.47 -20.32
N GLU B 151 32.18 13.17 -19.16
CA GLU B 151 31.07 13.25 -18.20
C GLU B 151 29.79 13.72 -18.92
N ALA B 152 29.89 14.82 -19.72
CA ALA B 152 28.80 15.41 -20.51
C ALA B 152 28.29 14.44 -21.56
N GLU B 153 29.20 13.75 -22.27
CA GLU B 153 28.89 12.75 -23.31
C GLU B 153 28.00 11.65 -22.71
N ILE B 154 28.41 11.11 -21.55
CA ILE B 154 27.72 10.07 -20.78
C ILE B 154 26.36 10.58 -20.28
N ILE B 155 26.33 11.76 -19.62
CA ILE B 155 25.10 12.37 -19.10
C ILE B 155 24.10 12.70 -20.23
N ARG B 156 24.60 13.09 -21.43
CA ARG B 156 23.81 13.39 -22.63
C ARG B 156 23.30 12.11 -23.31
N LYS B 157 23.96 10.97 -23.05
CA LYS B 157 23.56 9.69 -23.61
C LYS B 157 22.41 9.12 -22.75
N TYR B 158 22.55 9.25 -21.42
CA TYR B 158 21.59 8.85 -20.39
C TYR B 158 20.23 9.56 -20.63
N VAL B 159 20.24 10.85 -21.03
CA VAL B 159 19.05 11.66 -21.35
C VAL B 159 18.36 11.14 -22.63
N LYS B 160 19.16 10.84 -23.68
CA LYS B 160 18.62 10.40 -24.97
C LYS B 160 17.94 9.01 -24.89
N ASN B 161 18.64 8.05 -24.32
CA ASN B 161 18.23 6.66 -24.20
C ASN B 161 17.16 6.35 -23.17
N THR B 162 17.11 7.07 -22.05
CA THR B 162 16.14 6.75 -21.01
C THR B 162 14.90 7.66 -21.06
N HIS B 163 14.58 8.16 -22.23
CA HIS B 163 13.38 8.94 -22.38
C HIS B 163 12.34 7.91 -22.84
N ALA B 164 11.34 7.63 -21.97
CA ALA B 164 10.25 6.67 -22.21
C ALA B 164 9.40 7.10 -23.40
N THR B 165 9.13 6.14 -24.29
CA THR B 165 8.37 6.32 -25.53
C THR B 165 6.92 6.80 -25.24
N THR B 166 6.41 6.56 -24.02
CA THR B 166 5.08 7.01 -23.60
C THR B 166 5.06 8.50 -23.25
N HIS B 167 6.21 9.07 -22.84
CA HIS B 167 6.31 10.50 -22.55
C HIS B 167 6.80 11.21 -23.83
N ASN B 168 6.17 10.84 -24.98
CA ASN B 168 6.43 11.34 -26.34
C ASN B 168 5.90 12.77 -26.60
N ALA B 169 5.21 13.37 -25.58
CA ALA B 169 4.63 14.72 -25.60
C ALA B 169 5.65 15.85 -25.87
N TYR B 170 6.92 15.61 -25.49
CA TYR B 170 8.03 16.54 -25.62
C TYR B 170 9.33 15.79 -25.92
N ASP B 171 10.35 16.53 -26.42
CA ASP B 171 11.74 16.10 -26.67
C ASP B 171 12.63 16.81 -25.65
N LEU B 172 13.71 16.16 -25.19
CA LEU B 172 14.61 16.80 -24.24
C LEU B 172 15.93 17.24 -24.86
N GLU B 173 16.25 18.53 -24.68
CA GLU B 173 17.46 19.15 -25.18
C GLU B 173 18.25 19.74 -24.01
N VAL B 174 19.38 19.10 -23.67
CA VAL B 174 20.27 19.50 -22.58
C VAL B 174 21.03 20.77 -22.99
N ILE B 175 20.92 21.84 -22.18
CA ILE B 175 21.58 23.14 -22.39
C ILE B 175 22.83 23.24 -21.48
N ASP B 176 22.64 23.09 -20.16
CA ASP B 176 23.74 23.16 -19.22
C ASP B 176 23.78 21.93 -18.33
N ILE B 177 24.99 21.54 -17.94
CA ILE B 177 25.28 20.45 -17.01
C ILE B 177 26.17 21.07 -15.93
N PHE B 178 25.76 20.93 -14.67
CA PHE B 178 26.50 21.49 -13.55
C PHE B 178 26.95 20.43 -12.57
N LYS B 179 28.27 20.36 -12.28
CA LYS B 179 28.80 19.44 -11.29
C LYS B 179 28.54 20.15 -9.97
N ILE B 180 27.64 19.60 -9.17
CA ILE B 180 27.27 20.26 -7.93
C ILE B 180 27.86 19.55 -6.72
N GLU B 181 28.21 20.33 -5.71
CA GLU B 181 28.77 19.80 -4.50
C GLU B 181 28.18 20.52 -3.30
N ARG B 182 27.18 19.88 -2.68
CA ARG B 182 26.51 20.40 -1.50
C ARG B 182 27.48 20.30 -0.31
N GLU B 183 27.71 21.43 0.36
CA GLU B 183 28.59 21.52 1.51
C GLU B 183 28.13 20.50 2.54
N GLY B 184 29.07 19.64 2.97
CA GLY B 184 28.89 18.60 4.00
C GLY B 184 28.28 17.28 3.56
N GLU B 185 27.88 17.16 2.29
CA GLU B 185 27.24 15.95 1.80
C GLU B 185 28.13 14.71 1.76
N CYS B 186 29.41 14.85 1.32
CA CYS B 186 30.36 13.76 1.19
C CYS B 186 30.70 13.10 2.51
N GLN B 187 30.80 13.90 3.58
CA GLN B 187 31.08 13.44 4.94
C GLN B 187 29.88 12.66 5.51
N ARG B 188 28.67 13.08 5.12
CA ARG B 188 27.40 12.46 5.51
C ARG B 188 27.22 11.14 4.74
N TYR B 189 27.58 11.16 3.43
CA TYR B 189 27.52 10.01 2.52
C TYR B 189 28.60 8.95 2.82
N LYS B 190 29.75 9.37 3.40
CA LYS B 190 30.91 8.54 3.78
C LYS B 190 30.56 7.08 4.20
N PRO B 191 29.72 6.81 5.26
CA PRO B 191 29.41 5.40 5.60
C PRO B 191 28.86 4.51 4.48
N PHE B 192 28.24 5.13 3.45
CA PHE B 192 27.57 4.46 2.33
C PHE B 192 28.37 4.43 1.01
N LYS B 193 29.42 5.26 0.89
CA LYS B 193 30.26 5.34 -0.33
C LYS B 193 30.85 3.96 -0.77
N GLN B 194 30.96 2.99 0.18
CA GLN B 194 31.51 1.65 -0.06
C GLN B 194 30.42 0.58 -0.20
N LEU B 195 29.15 1.00 -0.17
CA LEU B 195 28.02 0.09 -0.26
C LEU B 195 27.80 -0.45 -1.68
N HIS B 196 27.21 -1.63 -1.74
CA HIS B 196 26.94 -2.27 -3.01
C HIS B 196 25.72 -1.66 -3.66
N ASN B 197 25.60 -1.86 -4.98
CA ASN B 197 24.48 -1.39 -5.77
C ASN B 197 24.28 0.14 -5.63
N ARG B 198 25.34 0.90 -5.96
CA ARG B 198 25.35 2.35 -5.97
C ARG B 198 24.98 2.71 -7.39
N ARG B 199 24.07 3.69 -7.56
CA ARG B 199 23.55 4.00 -8.89
C ARG B 199 23.39 5.49 -9.14
N LEU B 200 23.56 5.92 -10.39
CA LEU B 200 23.35 7.33 -10.71
C LEU B 200 21.93 7.45 -11.26
N LEU B 201 21.05 8.09 -10.48
CA LEU B 201 19.64 8.18 -10.87
C LEU B 201 19.15 9.61 -10.90
N TRP B 202 18.04 9.82 -11.59
CA TRP B 202 17.37 11.12 -11.76
C TRP B 202 16.38 11.52 -10.65
N HIS B 203 16.25 12.85 -10.43
CA HIS B 203 15.25 13.45 -9.55
C HIS B 203 14.86 14.80 -10.15
N GLY B 204 13.62 14.87 -10.59
CA GLY B 204 13.02 16.06 -11.15
C GLY B 204 12.10 16.67 -10.12
N SER B 205 11.89 17.99 -10.24
CA SER B 205 11.05 18.78 -9.34
C SER B 205 10.83 20.11 -10.01
N ARG B 206 9.83 20.89 -9.56
CA ARG B 206 9.64 22.25 -10.08
C ARG B 206 10.90 23.08 -9.71
N THR B 207 11.21 24.09 -10.52
CA THR B 207 12.37 24.98 -10.31
C THR B 207 12.18 25.71 -8.95
N THR B 208 10.91 25.94 -8.56
CA THR B 208 10.54 26.60 -7.30
C THR B 208 10.95 25.79 -6.04
N ASN B 209 11.49 24.58 -6.24
CA ASN B 209 11.93 23.68 -5.17
C ASN B 209 13.43 23.53 -5.12
N PHE B 210 14.16 24.01 -6.15
CA PHE B 210 15.60 23.83 -6.23
C PHE B 210 16.39 24.65 -5.21
N ALA B 211 15.81 25.71 -4.62
CA ALA B 211 16.48 26.47 -3.55
C ALA B 211 16.49 25.62 -2.29
N GLY B 212 15.33 24.99 -2.01
CA GLY B 212 15.16 24.08 -0.89
C GLY B 212 16.00 22.83 -1.07
N ILE B 213 16.06 22.30 -2.33
CA ILE B 213 16.83 21.08 -2.63
C ILE B 213 18.31 21.38 -2.47
N LEU B 214 18.80 22.42 -3.14
CA LEU B 214 20.24 22.70 -3.09
C LEU B 214 20.73 23.11 -1.73
N SER B 215 19.94 23.92 -0.98
CA SER B 215 20.37 24.37 0.34
C SER B 215 20.30 23.29 1.41
N GLN B 216 19.20 22.53 1.48
CA GLN B 216 19.02 21.52 2.52
C GLN B 216 19.17 20.07 2.07
N GLY B 217 19.37 19.88 0.77
CA GLY B 217 19.48 18.57 0.13
C GLY B 217 18.14 17.91 -0.03
N LEU B 218 18.14 16.69 -0.57
CA LEU B 218 16.92 15.90 -0.69
C LEU B 218 16.65 15.37 0.69
N ARG B 219 15.46 15.68 1.23
CA ARG B 219 15.07 15.26 2.57
C ARG B 219 13.98 14.21 2.53
N ILE B 220 13.63 13.72 3.72
CA ILE B 220 12.52 12.82 3.94
C ILE B 220 11.39 13.80 4.32
N ALA B 221 10.12 13.49 3.91
CA ALA B 221 8.94 14.30 4.22
C ALA B 221 8.93 14.60 5.72
N PRO B 222 8.38 15.75 6.20
CA PRO B 222 8.35 16.02 7.65
C PRO B 222 7.69 14.92 8.46
N PRO B 223 7.94 14.81 9.79
CA PRO B 223 7.26 13.75 10.58
C PRO B 223 5.73 13.82 10.53
N GLU B 224 5.20 15.02 10.34
CA GLU B 224 3.77 15.30 10.27
C GLU B 224 3.09 14.77 9.03
N ALA B 225 3.86 14.54 7.95
CA ALA B 225 3.31 14.07 6.68
C ALA B 225 2.77 12.64 6.75
N PRO B 226 1.56 12.35 6.20
CA PRO B 226 1.08 10.94 6.22
C PRO B 226 1.97 10.05 5.34
N VAL B 227 2.46 8.92 5.89
CA VAL B 227 3.29 7.92 5.17
C VAL B 227 2.49 7.34 4.03
N THR B 228 1.18 7.33 4.24
CA THR B 228 0.14 6.91 3.34
C THR B 228 0.01 7.89 2.11
N GLY B 229 0.51 9.12 2.25
CA GLY B 229 0.47 10.13 1.18
C GLY B 229 1.45 9.90 0.03
N TYR B 230 2.31 8.88 0.14
CA TYR B 230 3.34 8.56 -0.84
C TYR B 230 3.30 7.05 -1.13
N MET B 231 3.36 6.65 -2.41
CA MET B 231 3.27 5.28 -2.90
C MET B 231 4.15 4.26 -2.15
N PHE B 232 5.41 4.62 -1.86
CA PHE B 232 6.31 3.73 -1.13
C PHE B 232 6.69 4.35 0.21
N GLY B 233 5.83 5.22 0.73
CA GLY B 233 6.08 5.86 2.01
C GLY B 233 7.08 6.99 1.99
N LYS B 234 7.60 7.32 3.19
CA LYS B 234 8.48 8.47 3.46
C LYS B 234 9.95 8.22 3.21
N GLY B 235 10.31 8.42 1.95
CA GLY B 235 11.66 8.29 1.44
C GLY B 235 11.95 9.29 0.34
N ILE B 236 13.08 9.07 -0.34
CA ILE B 236 13.53 9.93 -1.43
C ILE B 236 13.41 9.11 -2.67
N TYR B 237 12.81 9.68 -3.70
CA TYR B 237 12.44 8.97 -4.93
C TYR B 237 13.26 9.30 -6.12
N PHE B 238 13.60 8.27 -6.88
CA PHE B 238 14.42 8.42 -8.08
C PHE B 238 13.95 7.51 -9.20
N ALA B 239 14.32 7.84 -10.43
CA ALA B 239 14.00 7.05 -11.62
C ALA B 239 15.27 6.84 -12.49
N ASP B 240 15.28 5.76 -13.29
CA ASP B 240 16.35 5.45 -14.24
C ASP B 240 15.95 5.87 -15.66
N MET B 241 14.73 6.45 -15.82
CA MET B 241 14.18 6.96 -17.07
C MET B 241 14.06 8.48 -16.94
N VAL B 242 14.91 9.24 -17.65
CA VAL B 242 14.93 10.71 -17.59
C VAL B 242 13.54 11.35 -17.65
N SER B 243 12.67 10.85 -18.56
CA SER B 243 11.34 11.38 -18.82
C SER B 243 10.36 11.23 -17.63
N LYS B 244 10.49 10.16 -16.83
CA LYS B 244 9.67 9.94 -15.64
C LYS B 244 9.96 11.12 -14.66
N SER B 245 11.26 11.39 -14.45
CA SER B 245 11.68 12.49 -13.57
C SER B 245 11.40 13.85 -14.16
N ALA B 246 11.54 13.97 -15.50
CA ALA B 246 11.34 15.21 -16.26
C ALA B 246 9.93 15.79 -16.11
N ASN B 247 8.92 14.93 -16.03
CA ASN B 247 7.51 15.24 -15.83
C ASN B 247 7.27 16.02 -14.54
N TYR B 248 8.07 15.75 -13.50
CA TYR B 248 7.98 16.39 -12.19
C TYR B 248 8.49 17.85 -12.19
N CYS B 249 9.12 18.30 -13.31
CA CYS B 249 9.54 19.68 -13.54
C CYS B 249 8.28 20.55 -13.71
N HIS B 250 7.15 19.92 -14.16
CA HIS B 250 5.81 20.49 -14.45
C HIS B 250 5.88 21.65 -15.46
N THR B 251 6.80 21.53 -16.44
CA THR B 251 7.03 22.52 -17.48
C THR B 251 5.88 22.54 -18.52
N SER B 252 5.61 23.71 -19.09
CA SER B 252 4.57 23.93 -20.12
C SER B 252 5.20 24.51 -21.39
N GLN B 253 4.38 24.80 -22.42
CA GLN B 253 4.87 25.34 -23.70
C GLN B 253 5.34 26.79 -23.58
N GLY B 254 4.67 27.55 -22.71
CA GLY B 254 4.99 28.94 -22.39
C GLY B 254 6.35 29.07 -21.72
N ASP B 255 6.70 28.11 -20.83
CA ASP B 255 8.02 28.06 -20.20
C ASP B 255 8.52 26.60 -20.20
N PRO B 256 9.38 26.22 -21.18
CA PRO B 256 9.79 24.81 -21.29
C PRO B 256 11.16 24.52 -20.68
N ILE B 257 11.54 25.27 -19.64
CA ILE B 257 12.83 25.05 -18.99
C ILE B 257 12.62 24.52 -17.58
N GLY B 258 13.18 23.34 -17.31
CA GLY B 258 13.11 22.66 -16.03
C GLY B 258 14.46 22.22 -15.53
N LEU B 259 14.55 21.92 -14.23
CA LEU B 259 15.79 21.48 -13.59
C LEU B 259 15.70 20.03 -13.16
N ILE B 260 16.80 19.25 -13.36
CA ILE B 260 16.82 17.82 -13.04
C ILE B 260 18.16 17.39 -12.38
N LEU B 261 18.08 16.54 -11.36
CA LEU B 261 19.29 16.11 -10.67
C LEU B 261 19.74 14.74 -11.10
N LEU B 262 21.01 14.46 -10.85
CA LEU B 262 21.63 13.18 -11.06
C LEU B 262 22.38 12.91 -9.78
N GLY B 263 21.75 12.13 -8.94
CA GLY B 263 22.29 11.77 -7.64
C GLY B 263 22.79 10.35 -7.60
N GLU B 264 23.89 10.15 -6.88
CA GLU B 264 24.51 8.88 -6.63
C GLU B 264 23.76 8.30 -5.43
N VAL B 265 23.13 7.13 -5.62
CA VAL B 265 22.26 6.53 -4.61
C VAL B 265 22.74 5.16 -4.15
N ALA B 266 22.89 5.02 -2.83
CA ALA B 266 23.31 3.78 -2.15
C ALA B 266 22.11 2.85 -1.95
N LEU B 267 21.85 1.96 -2.93
CA LEU B 267 20.68 1.07 -2.89
C LEU B 267 20.83 -0.17 -2.00
N GLY B 268 22.01 -0.81 -2.02
CA GLY B 268 22.27 -2.02 -1.25
C GLY B 268 21.33 -3.16 -1.63
N ASN B 269 20.76 -3.82 -0.62
CA ASN B 269 19.81 -4.91 -0.81
C ASN B 269 18.45 -4.24 -1.05
N MET B 270 17.95 -4.37 -2.29
CA MET B 270 16.69 -3.76 -2.71
C MET B 270 15.48 -4.61 -2.40
N TYR B 271 14.49 -4.00 -1.73
CA TYR B 271 13.21 -4.63 -1.44
C TYR B 271 12.34 -4.31 -2.68
N GLU B 272 12.36 -5.25 -3.65
CA GLU B 272 11.65 -5.18 -4.92
C GLU B 272 10.14 -5.28 -4.68
N LEU B 273 9.35 -4.31 -5.19
CA LEU B 273 7.91 -4.27 -4.99
C LEU B 273 7.21 -3.98 -6.29
N LYS B 274 6.00 -4.51 -6.49
CA LYS B 274 5.21 -4.25 -7.71
C LYS B 274 4.12 -3.18 -7.49
N HIS B 275 3.67 -2.98 -6.23
CA HIS B 275 2.57 -2.08 -5.85
C HIS B 275 2.83 -1.25 -4.61
N ALA B 276 1.91 -0.30 -4.33
CA ALA B 276 1.97 0.62 -3.16
C ALA B 276 2.22 -0.08 -1.81
N SER B 277 3.27 0.36 -1.10
CA SER B 277 3.64 -0.12 0.24
C SER B 277 3.96 1.09 1.12
N HIS B 278 3.02 1.50 1.97
CA HIS B 278 3.21 2.67 2.84
C HIS B 278 4.05 2.35 4.09
N ILE B 279 5.39 2.42 3.92
CA ILE B 279 6.40 2.16 4.94
C ILE B 279 7.24 3.39 5.23
N SER B 280 7.91 3.39 6.40
CA SER B 280 8.77 4.48 6.89
C SER B 280 10.14 3.92 7.34
N LYS B 281 10.17 2.62 7.67
CA LYS B 281 11.33 1.84 8.10
C LYS B 281 11.31 0.56 7.28
N LEU B 282 12.47 0.18 6.74
CA LEU B 282 12.69 -1.01 5.93
C LEU B 282 12.85 -2.31 6.73
N PRO B 283 12.59 -3.50 6.14
CA PRO B 283 12.83 -4.76 6.90
C PRO B 283 14.33 -5.00 7.08
N LYS B 284 14.74 -5.52 8.27
CA LYS B 284 16.14 -5.84 8.61
C LYS B 284 16.80 -6.57 7.43
N GLY B 285 17.92 -6.02 6.96
CA GLY B 285 18.67 -6.55 5.83
C GLY B 285 18.58 -5.71 4.57
N LYS B 286 17.41 -5.07 4.31
CA LYS B 286 17.20 -4.23 3.12
C LYS B 286 17.69 -2.79 3.31
N HIS B 287 18.19 -2.16 2.23
CA HIS B 287 18.68 -0.77 2.30
C HIS B 287 17.85 0.19 1.42
N SER B 288 17.05 -0.35 0.48
CA SER B 288 16.23 0.47 -0.40
C SER B 288 14.99 -0.29 -0.91
N VAL B 289 14.13 0.42 -1.65
CA VAL B 289 12.96 -0.17 -2.27
C VAL B 289 13.15 0.04 -3.75
N LYS B 290 12.79 -0.94 -4.57
CA LYS B 290 12.77 -0.79 -6.00
C LYS B 290 11.33 -1.08 -6.42
N GLY B 291 10.69 -0.06 -6.99
CA GLY B 291 9.35 -0.23 -7.54
C GLY B 291 9.57 -0.84 -8.90
N LEU B 292 9.13 -2.11 -9.08
CA LEU B 292 9.31 -2.82 -10.34
C LEU B 292 8.43 -2.29 -11.42
N GLY B 293 9.06 -1.64 -12.39
CA GLY B 293 8.37 -1.11 -13.56
C GLY B 293 8.31 -2.14 -14.66
N LYS B 294 7.36 -1.97 -15.58
CA LYS B 294 7.11 -2.85 -16.73
C LYS B 294 8.25 -2.72 -17.77
N THR B 295 8.72 -1.48 -18.03
CA THR B 295 9.84 -1.15 -18.91
C THR B 295 11.07 -0.71 -18.08
N THR B 296 12.25 -1.18 -18.51
CA THR B 296 13.53 -0.92 -17.84
C THR B 296 14.64 -0.56 -18.85
N PRO B 297 15.65 0.29 -18.51
CA PRO B 297 16.75 0.50 -19.47
C PRO B 297 17.63 -0.76 -19.52
N ASP B 298 17.88 -1.29 -20.73
CA ASP B 298 18.65 -2.52 -20.97
C ASP B 298 19.90 -2.63 -20.09
N PRO B 299 19.92 -3.62 -19.15
CA PRO B 299 21.07 -3.75 -18.22
C PRO B 299 22.40 -4.15 -18.85
N SER B 300 22.37 -4.63 -20.12
CA SER B 300 23.57 -5.01 -20.85
C SER B 300 24.28 -3.77 -21.38
N ALA B 301 23.55 -2.63 -21.49
CA ALA B 301 24.04 -1.34 -21.97
C ALA B 301 24.47 -0.41 -20.81
N ASN B 302 24.67 -1.00 -19.61
CA ASN B 302 25.05 -0.27 -18.41
C ASN B 302 26.55 0.02 -18.31
N ILE B 303 26.88 1.28 -17.98
CA ILE B 303 28.25 1.75 -17.78
C ILE B 303 28.52 1.93 -16.26
N SER B 304 29.79 2.09 -15.90
CA SER B 304 30.25 2.36 -14.54
C SER B 304 31.04 3.67 -14.62
N LEU B 305 30.56 4.70 -13.91
CA LEU B 305 31.20 6.02 -13.86
C LEU B 305 31.59 6.25 -12.42
N ASP B 306 32.90 6.13 -12.12
CA ASP B 306 33.47 6.27 -10.76
C ASP B 306 32.97 5.15 -9.80
N GLY B 307 32.83 3.93 -10.35
CA GLY B 307 32.33 2.76 -9.62
C GLY B 307 30.81 2.69 -9.55
N VAL B 308 30.16 3.82 -9.86
CA VAL B 308 28.70 4.07 -9.87
C VAL B 308 28.05 3.56 -11.16
N ASP B 309 27.09 2.61 -11.03
CA ASP B 309 26.35 2.04 -12.17
C ASP B 309 25.47 3.12 -12.79
N VAL B 310 25.58 3.30 -14.11
CA VAL B 310 24.79 4.31 -14.83
C VAL B 310 23.82 3.58 -15.80
N PRO B 311 22.51 3.42 -15.44
CA PRO B 311 21.59 2.69 -16.33
C PRO B 311 21.15 3.51 -17.54
N LEU B 312 22.09 3.77 -18.49
CA LEU B 312 21.86 4.58 -19.68
C LEU B 312 21.32 3.80 -20.89
N GLY B 313 20.89 2.55 -20.69
CA GLY B 313 20.35 1.72 -21.77
C GLY B 313 19.03 2.19 -22.35
N THR B 314 18.65 1.60 -23.49
CA THR B 314 17.38 1.82 -24.20
C THR B 314 16.37 1.04 -23.39
N GLY B 315 15.15 1.54 -23.28
CA GLY B 315 14.08 0.90 -22.54
C GLY B 315 13.57 -0.38 -23.19
N ILE B 316 13.77 -1.51 -22.49
CA ILE B 316 13.32 -2.87 -22.86
C ILE B 316 12.31 -3.38 -21.82
N SER B 317 11.58 -4.43 -22.20
CA SER B 317 10.63 -5.07 -21.28
C SER B 317 11.42 -5.71 -20.14
N SER B 318 10.93 -5.56 -18.91
CA SER B 318 11.55 -6.12 -17.72
C SER B 318 11.07 -7.55 -17.49
N GLY B 319 9.89 -7.86 -18.02
CA GLY B 319 9.23 -9.15 -17.87
C GLY B 319 8.35 -9.20 -16.63
N VAL B 320 7.95 -8.01 -16.13
CA VAL B 320 7.09 -7.84 -14.96
C VAL B 320 5.87 -7.10 -15.51
N ASN B 321 4.74 -7.79 -15.62
CA ASN B 321 3.57 -7.15 -16.22
C ASN B 321 2.38 -6.98 -15.25
N ASP B 322 2.41 -7.66 -14.10
CA ASP B 322 1.40 -7.59 -13.05
C ASP B 322 1.78 -6.49 -12.02
N THR B 323 2.29 -5.37 -12.51
CA THR B 323 2.79 -4.30 -11.67
C THR B 323 1.94 -3.02 -11.74
N SER B 324 2.04 -2.18 -10.69
CA SER B 324 1.35 -0.89 -10.68
C SER B 324 2.10 0.14 -11.49
N LEU B 325 3.39 -0.12 -11.77
CA LEU B 325 4.31 0.82 -12.46
C LEU B 325 4.70 0.48 -13.91
N LEU B 326 4.72 1.51 -14.75
CA LEU B 326 5.18 1.38 -16.14
C LEU B 326 6.72 1.40 -16.16
N TYR B 327 7.32 2.16 -15.24
CA TYR B 327 8.75 2.39 -15.13
C TYR B 327 9.21 2.23 -13.70
N ASN B 328 10.50 1.88 -13.51
CA ASN B 328 11.04 1.65 -12.16
C ASN B 328 11.13 2.94 -11.36
N GLU B 329 11.20 2.80 -10.03
CA GLU B 329 11.49 3.87 -9.13
C GLU B 329 12.31 3.30 -7.98
N TYR B 330 13.11 4.15 -7.32
CA TYR B 330 14.02 3.76 -6.26
C TYR B 330 13.83 4.65 -5.07
N ILE B 331 13.68 4.05 -3.89
CA ILE B 331 13.42 4.81 -2.68
C ILE B 331 14.36 4.38 -1.54
N VAL B 332 15.05 5.36 -0.95
CA VAL B 332 15.96 5.21 0.18
C VAL B 332 15.33 5.96 1.34
N TYR B 333 15.37 5.36 2.53
CA TYR B 333 14.70 5.89 3.71
C TYR B 333 15.67 6.56 4.68
N ASP B 334 16.86 6.89 4.16
CA ASP B 334 17.91 7.57 4.90
C ASP B 334 18.52 8.58 3.96
N ILE B 335 18.62 9.84 4.41
CA ILE B 335 19.14 10.97 3.60
C ILE B 335 20.64 10.82 3.23
N ALA B 336 21.42 10.17 4.11
CA ALA B 336 22.87 9.95 3.95
C ALA B 336 23.18 8.89 2.91
N GLN B 337 22.13 8.23 2.36
CA GLN B 337 22.28 7.24 1.29
C GLN B 337 22.26 7.90 -0.05
N VAL B 338 22.19 9.24 -0.04
CA VAL B 338 22.13 10.10 -1.22
C VAL B 338 23.31 11.07 -1.23
N ASN B 339 23.92 11.24 -2.42
CA ASN B 339 24.98 12.19 -2.71
C ASN B 339 24.71 12.76 -4.08
N LEU B 340 24.26 14.03 -4.16
CA LEU B 340 23.96 14.70 -5.42
C LEU B 340 25.25 14.95 -6.13
N LYS B 341 25.24 14.76 -7.46
CA LYS B 341 26.43 14.89 -8.29
C LYS B 341 26.31 15.95 -9.37
N TYR B 342 25.19 15.93 -10.12
CA TYR B 342 24.96 16.89 -11.21
C TYR B 342 23.58 17.50 -11.16
N LEU B 343 23.43 18.62 -11.90
CA LEU B 343 22.21 19.40 -12.04
C LEU B 343 22.17 19.78 -13.50
N LEU B 344 21.10 19.40 -14.19
CA LEU B 344 20.95 19.73 -15.61
C LEU B 344 19.83 20.74 -15.79
N LYS B 345 19.97 21.60 -16.79
CA LYS B 345 18.97 22.56 -17.20
C LYS B 345 18.53 21.99 -18.54
N LEU B 346 17.23 21.68 -18.67
CA LEU B 346 16.71 21.03 -19.87
C LEU B 346 15.65 21.83 -20.60
N LYS B 347 15.68 21.80 -21.95
CA LYS B 347 14.71 22.44 -22.82
C LYS B 347 13.71 21.38 -23.24
N PHE B 348 12.41 21.66 -23.08
CA PHE B 348 11.32 20.74 -23.43
C PHE B 348 10.72 21.17 -24.75
N ASN B 349 11.04 20.43 -25.81
CA ASN B 349 10.52 20.76 -27.13
C ASN B 349 9.23 19.99 -27.32
N PHE B 350 8.08 20.66 -27.13
CA PHE B 350 6.73 20.07 -27.18
C PHE B 350 6.12 19.93 -28.60
N LYS B 351 5.06 19.09 -28.70
CA LYS B 351 4.27 18.81 -29.91
C LYS B 351 3.23 19.91 -30.15
CAJ 09L C . -10.87 -16.73 -2.81
CAK 09L C . -11.74 -16.78 -1.61
CAI 09L C . -10.48 -15.96 -1.58
CAL 09L C . -9.36 -16.49 -0.72
OAB 09L C . -9.18 -17.69 -0.59
NAE 09L C . -8.57 -15.60 -0.07
CAM 09L C . -7.59 -16.04 0.93
CAO 09L C . -8.19 -15.83 2.29
CAN 09L C . -8.73 -14.15 0.04
CAP 09L C . -9.32 -13.80 1.38
NAF 09L C . -8.55 -14.42 2.48
CAQ 09L C . -8.25 -13.81 3.64
OAC 09L C . -7.61 -14.36 4.52
CAR 09L C . -8.57 -12.36 3.79
CAS 09L C . -9.55 -11.98 4.72
CAU 09L C . -7.92 -11.34 3.10
FAA 09L C . -6.99 -11.67 2.16
CAX 09L C . -8.17 -10.01 3.33
CAW 09L C . -9.14 -9.66 4.24
CAT 09L C . -9.87 -10.63 4.92
CAV 09L C . -10.95 -10.25 5.90
CAY 09L C . -10.81 -10.99 7.20
CAZ 09L C . -9.79 -10.60 8.20
CBB 09L C . -8.96 -9.48 8.03
CBE 09L C . -7.99 -9.21 8.99
CBF 09L C . -7.93 -9.96 10.15
CBD 09L C . -8.85 -10.96 10.40
CBA 09L C . -9.75 -11.33 9.40
CBC 09L C . -10.70 -12.45 9.60
OAD 09L C . -10.74 -13.16 10.59
NAH 09L C . -11.54 -12.67 8.56
NAG 09L C . -11.66 -11.94 7.40
CAJ 09L D . 8.55 18.28 2.00
CAK 09L D . 8.80 18.62 0.59
CAI 09L D . 8.59 17.18 0.98
CAL 09L D . 9.82 16.27 0.95
OAB 09L D . 10.90 16.68 1.36
NAE 09L D . 9.68 15.03 0.46
CAM 09L D . 10.84 14.16 0.25
CAO 09L D . 11.18 14.16 -1.22
CAN 09L D . 8.50 14.43 -0.19
CAP 09L D . 8.74 14.34 -1.69
NAF 09L D . 10.03 13.68 -1.99
CAQ 09L D . 10.21 12.71 -2.92
OAC 09L D . 11.30 12.24 -3.15
CAR 09L D . 8.99 12.18 -3.63
CAS 09L D . 8.86 12.44 -4.99
CAU 09L D . 8.01 11.41 -3.03
FAA 09L D . 8.12 11.13 -1.70
CAX 09L D . 6.92 10.93 -3.71
CAW 09L D . 6.81 11.20 -5.05
CAT 09L D . 7.75 11.99 -5.71
CAV 09L D . 7.60 12.32 -7.17
CAY 09L D . 8.90 12.24 -7.95
CAZ 09L D . 9.39 10.92 -8.43
CBB 09L D . 8.69 9.74 -8.22
CBE 09L D . 9.19 8.53 -8.72
CBF 09L D . 10.42 8.52 -9.37
CBD 09L D . 11.10 9.69 -9.63
CBA 09L D . 10.58 10.92 -9.18
CBC 09L D . 11.28 12.19 -9.46
OAD 09L D . 12.32 12.30 -10.10
NAH 09L D . 10.69 13.29 -8.92
NAG 09L D . 9.52 13.34 -8.16
#